data_2Q7Y
#
_entry.id   2Q7Y
#
_cell.length_a   58.941
_cell.length_b   96.224
_cell.length_c   77.926
_cell.angle_alpha   90.00
_cell.angle_beta   106.23
_cell.angle_gamma   90.00
#
_symmetry.space_group_name_H-M   'P 1 21 1'
#
loop_
_entity.id
_entity.type
_entity.pdbx_description
1 polymer 'T-cell surface glycoprotein CD1d1'
2 polymer Beta-2-microglobulin
3 branched 2-acetamido-2-deoxy-beta-D-glucopyranose-(1-4)-2-acetamido-2-deoxy-beta-D-glucopyranose
4 branched alpha-D-mannopyranose-(1-3)-[alpha-D-mannopyranose-(1-6)]beta-D-mannopyranose-(1-4)-2-acetamido-2-deoxy-beta-D-glucopyranose-(1-4)-2-acetamido-2-deoxy-beta-D-glucopyranose
5 non-polymer 2-acetamido-2-deoxy-beta-D-glucopyranose
6 non-polymer 'N-[(1S,2R,3E)-1-({[ALPHA-D-GALACTOPYRANOSYL-(1->3)-BETA-D-GALACTOPYRANOSYL-(1->4)-BETA-D-GLUCOPYRANOSYL]OXY}METHYL)-2-H YDROXYHEPTADEC-3-EN-1-YL]OCTANAMIDE'
7 non-polymer 'PALMITIC ACID'
8 water water
#
loop_
_entity_poly.entity_id
_entity_poly.type
_entity_poly.pdbx_seq_one_letter_code
_entity_poly.pdbx_strand_id
1 'polypeptide(L)'
;SEAQQKNYTFRCLQMSSFANRSWSRTDSVVWLGDLQTHRWSNDSATISFTKPWSQGKLSNQQWEKLQHMFQVYRVSFTRD
IQELVKMMSPKEDYPIEIQLSAGCEMYPGNASESFLHVAFQGKYVVRFWGTSWQTVPGAPSWLDLPIKVLNADQGTSATV
QMLLNDTCPLFVRGLLEAGKSDLEKQEKPVAWLSSVPSSAHGHRQLVCHVSGFYPKPVWVMWMRGDQEQQGTHRGDFLPN
ADETWYLQATLDVEAGEEAGLACRVKHSSLGGQDIILYWHHHHHH
;
A,C
2 'polypeptide(L)'
;IQKTPQIQVYSRHPPENGKPNILNCYVTQFHPPHIEIQMLKNGKKIPKVEMSDMSFSKDWSFYILAHTEFTPTETDTYAC
RVKHASMAEPKTVYWDRDM
;
B,D
#
# COMPACT_ATOMS: atom_id res chain seq x y z
N ASN A 7 -15.48 -24.73 -5.10
CA ASN A 7 -15.57 -25.52 -3.84
C ASN A 7 -14.83 -24.84 -2.71
N TYR A 8 -15.54 -24.01 -1.94
CA TYR A 8 -14.91 -23.24 -0.85
C TYR A 8 -15.02 -23.89 0.52
N THR A 9 -13.92 -23.87 1.26
CA THR A 9 -13.89 -24.29 2.65
C THR A 9 -13.76 -23.06 3.52
N PHE A 10 -14.59 -23.00 4.55
CA PHE A 10 -14.62 -21.94 5.53
C PHE A 10 -14.04 -22.59 6.78
N ARG A 11 -12.97 -22.00 7.33
CA ARG A 11 -12.22 -22.64 8.40
C ARG A 11 -12.05 -21.61 9.47
N CYS A 12 -12.54 -21.89 10.69
CA CYS A 12 -12.30 -21.04 11.87
C CYS A 12 -11.23 -21.73 12.66
N LEU A 13 -10.09 -21.07 12.84
CA LEU A 13 -8.95 -21.67 13.52
C LEU A 13 -8.72 -21.01 14.85
N GLN A 14 -8.71 -21.82 15.91
CA GLN A 14 -8.47 -21.34 17.26
C GLN A 14 -7.15 -21.87 17.78
N MET A 15 -6.33 -20.99 18.34
CA MET A 15 -5.04 -21.37 18.91
C MET A 15 -5.03 -20.88 20.35
N SER A 16 -4.97 -21.79 21.30
CA SER A 16 -4.97 -21.45 22.70
C SER A 16 -3.71 -21.95 23.37
N SER A 17 -3.05 -21.06 24.11
CA SER A 17 -1.84 -21.43 24.81
C SER A 17 -2.07 -21.22 26.31
N PHE A 18 -1.76 -22.24 27.11
CA PHE A 18 -1.84 -22.19 28.55
C PHE A 18 -0.42 -22.44 29.10
N ALA A 19 0.24 -21.38 29.56
CA ALA A 19 1.62 -21.47 30.07
C ALA A 19 1.69 -21.96 31.51
N ASN A 20 0.71 -21.53 32.30
CA ASN A 20 0.56 -21.89 33.70
C ASN A 20 -0.85 -21.49 34.12
N ARG A 21 -1.16 -21.61 35.40
CA ARG A 21 -2.50 -21.26 35.89
C ARG A 21 -2.82 -19.77 35.80
N SER A 22 -1.83 -18.89 35.84
CA SER A 22 -2.11 -17.45 35.72
C SER A 22 -1.89 -16.82 34.33
N TRP A 23 -1.62 -17.67 33.32
CA TRP A 23 -1.32 -17.15 31.99
C TRP A 23 -1.83 -18.04 30.87
N SER A 24 -2.80 -17.53 30.12
CA SER A 24 -3.24 -18.20 28.90
C SER A 24 -3.79 -17.21 27.91
N ARG A 25 -3.77 -17.60 26.64
CA ARG A 25 -4.38 -16.77 25.62
C ARG A 25 -5.00 -17.59 24.52
N THR A 26 -6.05 -17.03 23.94
CA THR A 26 -6.78 -17.68 22.87
C THR A 26 -6.89 -16.69 21.73
N ASP A 27 -6.40 -17.08 20.56
CA ASP A 27 -6.49 -16.22 19.39
C ASP A 27 -7.11 -17.03 18.28
N SER A 28 -7.91 -16.36 17.44
CA SER A 28 -8.57 -17.01 16.29
C SER A 28 -8.40 -16.26 14.97
N VAL A 29 -8.38 -17.01 13.88
CA VAL A 29 -8.42 -16.43 12.54
C VAL A 29 -9.45 -17.23 11.74
N VAL A 30 -10.12 -16.60 10.79
CA VAL A 30 -11.12 -17.31 10.00
C VAL A 30 -10.77 -17.09 8.52
N TRP A 31 -10.89 -18.16 7.74
CA TRP A 31 -10.53 -18.18 6.33
C TRP A 31 -11.67 -18.64 5.47
N LEU A 32 -11.87 -18.00 4.31
CA LEU A 32 -12.81 -18.50 3.32
C LEU A 32 -11.91 -18.80 2.14
N GLY A 33 -11.66 -20.08 1.88
CA GLY A 33 -10.68 -20.43 0.85
C GLY A 33 -9.37 -19.88 1.34
N ASP A 34 -8.64 -19.19 0.47
CA ASP A 34 -7.36 -18.62 0.87
C ASP A 34 -7.40 -17.16 1.32
N LEU A 35 -8.60 -16.61 1.52
CA LEU A 35 -8.76 -15.23 2.04
C LEU A 35 -9.18 -15.18 3.52
N GLN A 36 -8.44 -14.37 4.30
CA GLN A 36 -8.81 -14.11 5.66
C GLN A 36 -10.05 -13.22 5.79
N THR A 37 -11.02 -13.69 6.56
CA THR A 37 -12.28 -12.92 6.71
C THR A 37 -12.49 -12.33 8.12
N HIS A 38 -11.92 -12.94 9.15
CA HIS A 38 -12.07 -12.41 10.51
C HIS A 38 -10.80 -12.65 11.26
N ARG A 39 -10.60 -11.91 12.34
CA ARG A 39 -9.53 -12.21 13.28
C ARG A 39 -10.12 -11.93 14.65
N TRP A 40 -9.64 -12.64 15.65
CA TRP A 40 -10.05 -12.29 17.02
C TRP A 40 -8.90 -12.50 17.97
N SER A 41 -8.24 -11.41 18.34
CA SER A 41 -7.09 -11.52 19.21
C SER A 41 -7.57 -11.67 20.66
N ASN A 42 -6.79 -12.39 21.46
CA ASN A 42 -7.05 -12.43 22.89
C ASN A 42 -7.25 -11.05 23.48
N ASP A 43 -6.54 -10.07 22.91
CA ASP A 43 -6.55 -8.68 23.40
C ASP A 43 -7.87 -7.94 23.16
N SER A 44 -8.64 -8.38 22.17
CA SER A 44 -9.87 -7.67 21.79
C SER A 44 -11.07 -8.27 22.49
N ALA A 45 -12.03 -7.42 22.84
CA ALA A 45 -13.34 -7.87 23.35
C ALA A 45 -14.21 -8.48 22.23
N THR A 46 -14.08 -7.98 21.01
CA THR A 46 -14.94 -8.43 19.91
C THR A 46 -14.16 -8.88 18.70
N ILE A 47 -14.80 -9.71 17.88
CA ILE A 47 -14.28 -10.22 16.63
C ILE A 47 -14.09 -9.10 15.62
N SER A 48 -12.98 -9.09 14.87
CA SER A 48 -12.75 -8.04 13.86
C SER A 48 -13.03 -8.55 12.47
N PHE A 49 -13.65 -7.73 11.65
CA PHE A 49 -13.79 -8.05 10.23
C PHE A 49 -12.47 -7.72 9.54
N THR A 50 -11.99 -8.61 8.66
CA THR A 50 -10.83 -8.28 7.85
C THR A 50 -11.25 -8.02 6.36
N LYS A 51 -12.54 -8.07 6.08
CA LYS A 51 -13.07 -7.78 4.76
C LYS A 51 -14.30 -6.90 5.03
N PRO A 52 -14.67 -6.03 4.07
CA PRO A 52 -15.89 -5.25 4.17
C PRO A 52 -17.13 -6.13 4.21
N TRP A 53 -17.02 -7.32 3.64
CA TRP A 53 -18.17 -8.21 3.48
C TRP A 53 -18.20 -9.33 4.50
N SER A 54 -17.35 -9.25 5.53
CA SER A 54 -17.19 -10.30 6.52
C SER A 54 -18.44 -10.58 7.37
N GLN A 55 -19.40 -9.67 7.38
CA GLN A 55 -20.66 -9.94 8.09
C GLN A 55 -21.56 -10.81 7.23
N GLY A 56 -21.19 -11.03 5.96
CA GLY A 56 -22.00 -11.86 5.05
C GLY A 56 -23.39 -11.24 4.98
N LYS A 57 -24.42 -12.07 5.00
CA LYS A 57 -25.80 -11.56 4.93
C LYS A 57 -26.56 -11.48 6.28
N LEU A 58 -25.85 -11.64 7.39
CA LEU A 58 -26.42 -11.54 8.73
C LEU A 58 -26.74 -10.07 9.08
N SER A 59 -27.91 -9.83 9.71
CA SER A 59 -28.27 -8.50 10.16
C SER A 59 -27.39 -8.09 11.35
N ASN A 60 -27.36 -6.79 11.65
CA ASN A 60 -26.55 -6.32 12.77
C ASN A 60 -26.85 -7.07 14.05
N GLN A 61 -28.13 -7.40 14.24
CA GLN A 61 -28.62 -8.10 15.43
C GLN A 61 -28.16 -9.56 15.49
N GLN A 62 -28.24 -10.30 14.37
CA GLN A 62 -27.81 -11.71 14.35
C GLN A 62 -26.29 -11.78 14.55
N TRP A 63 -25.57 -10.82 13.96
CA TRP A 63 -24.11 -10.83 14.14
C TRP A 63 -23.76 -10.59 15.62
N GLU A 64 -24.46 -9.63 16.25
CA GLU A 64 -24.23 -9.33 17.66
C GLU A 64 -24.50 -10.55 18.54
N LYS A 65 -25.55 -11.32 18.24
CA LYS A 65 -25.88 -12.55 19.00
C LYS A 65 -24.82 -13.63 18.88
N LEU A 66 -24.37 -13.85 17.65
CA LEU A 66 -23.34 -14.81 17.36
C LEU A 66 -22.05 -14.41 18.10
N GLN A 67 -21.72 -13.12 18.07
CA GLN A 67 -20.54 -12.64 18.76
C GLN A 67 -20.65 -12.79 20.27
N HIS A 68 -21.82 -12.51 20.83
CA HIS A 68 -22.01 -12.70 22.28
C HIS A 68 -21.74 -14.16 22.66
N MET A 69 -22.22 -15.08 21.83
CA MET A 69 -22.03 -16.50 22.08
C MET A 69 -20.55 -16.83 22.11
N PHE A 70 -19.80 -16.28 21.14
CA PHE A 70 -18.35 -16.52 21.09
C PHE A 70 -17.64 -15.88 22.28
N GLN A 71 -18.13 -14.72 22.71
CA GLN A 71 -17.57 -14.05 23.88
C GLN A 71 -17.72 -14.90 25.14
N VAL A 72 -18.92 -15.44 25.36
CA VAL A 72 -19.16 -16.36 26.50
C VAL A 72 -18.29 -17.62 26.36
N TYR A 73 -18.28 -18.18 25.18
CA TYR A 73 -17.50 -19.36 24.88
C TYR A 73 -16.01 -19.20 25.19
N ARG A 74 -15.42 -18.07 24.82
CA ARG A 74 -13.98 -17.87 25.01
C ARG A 74 -13.61 -17.97 26.50
N VAL A 75 -14.37 -17.31 27.35
CA VAL A 75 -14.16 -17.37 28.82
C VAL A 75 -14.41 -18.80 29.37
N SER A 76 -15.47 -19.44 28.89
CA SER A 76 -15.84 -20.78 29.32
C SER A 76 -14.79 -21.81 28.96
N PHE A 77 -14.38 -21.77 27.69
CA PHE A 77 -13.34 -22.64 27.20
C PHE A 77 -12.09 -22.57 28.10
N THR A 78 -11.64 -21.36 28.40
CA THR A 78 -10.47 -21.12 29.23
C THR A 78 -10.58 -21.78 30.60
N ARG A 79 -11.72 -21.58 31.27
CA ARG A 79 -11.93 -22.16 32.59
C ARG A 79 -12.05 -23.69 32.53
N ASP A 80 -12.68 -24.20 31.49
CA ASP A 80 -12.84 -25.64 31.25
C ASP A 80 -11.50 -26.36 31.14
N ILE A 81 -10.58 -25.82 30.33
CA ILE A 81 -9.25 -26.41 30.18
C ILE A 81 -8.50 -26.34 31.50
N GLN A 82 -8.58 -25.19 32.20
CA GLN A 82 -7.95 -25.05 33.51
C GLN A 82 -8.47 -26.14 34.47
N GLU A 83 -9.76 -26.44 34.38
CA GLU A 83 -10.38 -27.47 35.21
C GLU A 83 -9.94 -28.87 34.76
N LEU A 84 -9.86 -29.09 33.45
CA LEU A 84 -9.45 -30.37 32.89
C LEU A 84 -8.03 -30.72 33.37
N VAL A 85 -7.12 -29.74 33.37
CA VAL A 85 -5.76 -29.90 33.92
C VAL A 85 -5.76 -30.24 35.43
N LYS A 86 -6.48 -29.47 36.24
CA LYS A 86 -6.61 -29.75 37.69
C LYS A 86 -7.04 -31.19 37.94
N MET A 87 -8.02 -31.63 37.15
CA MET A 87 -8.59 -32.97 37.22
C MET A 87 -7.59 -34.05 36.81
N MET A 88 -6.91 -33.84 35.69
CA MET A 88 -6.02 -34.86 35.12
C MET A 88 -4.56 -34.83 35.63
N SER A 89 -4.13 -33.68 36.14
CA SER A 89 -2.78 -33.49 36.68
C SER A 89 -2.46 -34.65 37.64
N PRO A 90 -1.18 -35.10 37.69
CA PRO A 90 0.05 -34.63 37.05
C PRO A 90 0.28 -35.18 35.65
N LYS A 91 -0.52 -36.17 35.24
CA LYS A 91 -0.40 -36.82 33.92
C LYS A 91 -0.38 -35.82 32.75
N GLU A 92 -1.11 -34.72 32.90
CA GLU A 92 -1.14 -33.64 31.91
C GLU A 92 -1.05 -32.27 32.58
N ASP A 93 0.11 -31.62 32.44
CA ASP A 93 0.35 -30.31 33.06
C ASP A 93 0.94 -29.31 32.05
N TYR A 94 1.03 -28.05 32.47
CA TYR A 94 1.52 -26.97 31.60
C TYR A 94 2.99 -27.13 31.18
N PRO A 95 3.41 -26.47 30.07
CA PRO A 95 2.56 -25.72 29.10
C PRO A 95 1.68 -26.60 28.20
N ILE A 96 0.58 -26.02 27.73
CA ILE A 96 -0.39 -26.77 26.92
C ILE A 96 -0.79 -25.91 25.74
N GLU A 97 -0.84 -26.55 24.58
CA GLU A 97 -1.32 -25.89 23.40
C GLU A 97 -2.52 -26.67 22.96
N ILE A 98 -3.62 -25.99 22.68
CA ILE A 98 -4.80 -26.62 22.11
C ILE A 98 -5.16 -25.85 20.84
N GLN A 99 -5.47 -26.58 19.76
CA GLN A 99 -5.90 -25.95 18.51
C GLN A 99 -7.25 -26.52 18.13
N LEU A 100 -8.16 -25.69 17.60
CA LEU A 100 -9.43 -26.18 17.12
C LEU A 100 -9.56 -25.69 15.70
N SER A 101 -9.95 -26.61 14.82
CA SER A 101 -10.27 -26.28 13.42
C SER A 101 -11.72 -26.67 13.14
N ALA A 102 -12.56 -25.70 12.83
CA ALA A 102 -14.00 -25.88 12.70
C ALA A 102 -14.54 -25.11 11.50
N GLY A 103 -15.57 -25.63 10.85
CA GLY A 103 -16.14 -24.92 9.75
C GLY A 103 -16.92 -25.86 8.87
N CYS A 104 -16.99 -25.53 7.60
CA CYS A 104 -17.72 -26.35 6.67
C CYS A 104 -17.17 -26.15 5.28
N GLU A 105 -17.46 -27.11 4.42
CA GLU A 105 -17.08 -27.07 3.01
C GLU A 105 -18.38 -27.15 2.24
N MET A 106 -18.50 -26.28 1.23
CA MET A 106 -19.69 -26.09 0.41
C MET A 106 -19.51 -26.81 -0.91
N TYR A 107 -20.59 -27.44 -1.37
CA TYR A 107 -20.61 -28.20 -2.62
C TYR A 107 -21.66 -27.63 -3.58
N PRO A 108 -21.89 -28.32 -4.73
CA PRO A 108 -23.02 -28.00 -5.61
C PRO A 108 -24.33 -28.55 -5.05
N GLY A 109 -25.47 -28.12 -5.59
CA GLY A 109 -26.80 -28.53 -5.10
C GLY A 109 -26.98 -28.03 -3.67
N ASN A 110 -27.27 -28.94 -2.74
CA ASN A 110 -27.25 -28.55 -1.31
C ASN A 110 -25.82 -28.65 -0.70
N ALA A 111 -25.25 -27.48 -0.47
CA ALA A 111 -23.81 -27.33 -0.22
C ALA A 111 -23.21 -27.54 1.16
N SER A 112 -23.09 -28.75 1.69
CA SER A 112 -22.19 -28.84 2.88
C SER A 112 -21.88 -30.09 3.72
N GLU A 113 -20.65 -30.07 4.22
CA GLU A 113 -20.11 -30.98 5.22
C GLU A 113 -19.40 -30.09 6.25
N SER A 114 -19.69 -30.27 7.53
CA SER A 114 -19.03 -29.49 8.59
C SER A 114 -18.08 -30.38 9.39
N PHE A 115 -17.17 -29.74 10.14
CA PHE A 115 -16.13 -30.44 10.88
C PHE A 115 -15.75 -29.62 12.11
N LEU A 116 -15.26 -30.29 13.14
CA LEU A 116 -14.73 -29.61 14.29
C LEU A 116 -13.69 -30.54 14.81
N HIS A 117 -12.43 -30.23 14.53
CA HIS A 117 -11.29 -31.08 14.96
C HIS A 117 -10.47 -30.36 16.01
N VAL A 118 -9.95 -31.11 16.99
CA VAL A 118 -9.24 -30.53 18.13
C VAL A 118 -7.88 -31.25 18.29
N ALA A 119 -6.80 -30.48 18.38
CA ALA A 119 -5.47 -31.04 18.57
C ALA A 119 -4.95 -30.61 19.95
N PHE A 120 -4.22 -31.49 20.63
CA PHE A 120 -3.63 -31.22 21.93
C PHE A 120 -2.14 -31.40 21.74
N GLN A 121 -1.34 -30.38 22.10
CA GLN A 121 0.09 -30.43 21.89
C GLN A 121 0.49 -30.77 20.45
N GLY A 122 -0.31 -30.31 19.49
CA GLY A 122 -0.03 -30.51 18.07
C GLY A 122 -0.51 -31.81 17.46
N LYS A 123 -1.24 -32.61 18.25
CA LYS A 123 -1.73 -33.91 17.79
C LYS A 123 -3.25 -33.93 17.80
N TYR A 124 -3.83 -34.31 16.68
CA TYR A 124 -5.27 -34.43 16.53
C TYR A 124 -5.75 -35.53 17.51
N VAL A 125 -6.67 -35.18 18.41
CA VAL A 125 -7.14 -36.11 19.44
C VAL A 125 -8.64 -36.24 19.62
N VAL A 126 -9.41 -35.23 19.19
CA VAL A 126 -10.84 -35.18 19.51
C VAL A 126 -11.55 -34.52 18.35
N ARG A 127 -12.77 -34.96 18.06
CA ARG A 127 -13.62 -34.26 17.10
C ARG A 127 -15.02 -34.20 17.68
N PHE A 128 -15.83 -33.27 17.19
CA PHE A 128 -17.25 -33.36 17.43
C PHE A 128 -17.81 -34.10 16.22
N TRP A 129 -18.65 -35.11 16.46
CA TRP A 129 -19.18 -35.93 15.36
C TRP A 129 -20.56 -36.41 15.70
N GLY A 130 -21.51 -36.23 14.78
CA GLY A 130 -22.90 -36.64 15.06
C GLY A 130 -23.54 -35.72 16.08
N THR A 131 -23.64 -36.19 17.32
CA THR A 131 -24.23 -35.38 18.38
C THR A 131 -23.37 -35.28 19.65
N SER A 132 -22.09 -35.62 19.57
CA SER A 132 -21.25 -35.62 20.77
C SER A 132 -19.76 -35.53 20.46
N TRP A 133 -18.95 -35.24 21.48
CA TRP A 133 -17.50 -35.18 21.35
C TRP A 133 -16.98 -36.61 21.40
N GLN A 134 -15.91 -36.90 20.67
CA GLN A 134 -15.35 -38.23 20.74
C GLN A 134 -13.88 -38.14 20.60
N THR A 135 -13.17 -39.07 21.22
CA THR A 135 -11.74 -39.11 20.99
C THR A 135 -11.54 -39.83 19.66
N VAL A 136 -10.44 -39.55 18.97
CA VAL A 136 -10.16 -40.29 17.74
C VAL A 136 -9.33 -41.55 18.10
N PRO A 137 -9.41 -42.61 17.26
CA PRO A 137 -8.63 -43.83 17.54
C PRO A 137 -7.15 -43.50 17.69
N GLY A 138 -6.52 -44.05 18.72
CA GLY A 138 -5.13 -43.81 18.96
C GLY A 138 -4.83 -42.65 19.92
N ALA A 139 -5.86 -41.92 20.33
CA ALA A 139 -5.68 -40.81 21.28
C ALA A 139 -5.39 -41.37 22.69
N PRO A 140 -4.63 -40.62 23.51
CA PRO A 140 -4.27 -41.18 24.83
C PRO A 140 -5.49 -41.39 25.74
N SER A 141 -5.46 -42.48 26.49
CA SER A 141 -6.59 -42.86 27.33
C SER A 141 -6.91 -41.86 28.46
N TRP A 142 -6.01 -40.91 28.77
CA TRP A 142 -6.29 -39.95 29.85
C TRP A 142 -7.42 -38.99 29.48
N LEU A 143 -7.72 -38.90 28.17
CA LEU A 143 -8.79 -38.07 27.64
C LEU A 143 -10.18 -38.64 27.92
N ASP A 144 -10.24 -39.90 28.32
CA ASP A 144 -11.53 -40.56 28.55
C ASP A 144 -12.48 -39.80 29.47
N LEU A 145 -12.05 -39.50 30.70
CA LEU A 145 -12.91 -38.76 31.63
C LEU A 145 -13.21 -37.32 31.22
N PRO A 146 -12.19 -36.52 30.82
CA PRO A 146 -12.52 -35.19 30.29
C PRO A 146 -13.60 -35.19 29.20
N ILE A 147 -13.55 -36.15 28.27
CA ILE A 147 -14.57 -36.22 27.18
C ILE A 147 -15.97 -36.63 27.70
N LYS A 148 -16.02 -37.54 28.68
CA LYS A 148 -17.29 -37.92 29.32
C LYS A 148 -17.85 -36.71 30.06
N VAL A 149 -16.96 -35.94 30.68
CA VAL A 149 -17.37 -34.74 31.43
C VAL A 149 -17.89 -33.68 30.45
N LEU A 150 -17.19 -33.48 29.35
CA LEU A 150 -17.64 -32.57 28.29
C LEU A 150 -18.98 -32.96 27.64
N ASN A 151 -19.16 -34.24 27.35
CA ASN A 151 -20.43 -34.74 26.80
C ASN A 151 -21.64 -34.64 27.74
N ALA A 152 -21.38 -34.46 29.04
CA ALA A 152 -22.44 -34.31 30.03
C ALA A 152 -23.17 -32.98 29.91
N ASP A 153 -22.58 -32.05 29.16
CA ASP A 153 -23.13 -30.72 28.86
C ASP A 153 -23.99 -30.85 27.58
N GLN A 154 -25.25 -31.21 27.76
CA GLN A 154 -26.18 -31.40 26.66
C GLN A 154 -26.46 -30.11 25.88
N GLY A 155 -26.49 -28.98 26.60
CA GLY A 155 -26.71 -27.64 26.04
C GLY A 155 -25.66 -27.21 25.04
N THR A 156 -24.38 -27.48 25.37
CA THR A 156 -23.25 -27.19 24.50
C THR A 156 -23.31 -28.07 23.26
N SER A 157 -23.68 -29.33 23.45
CA SER A 157 -23.77 -30.25 22.33
C SER A 157 -24.84 -29.80 21.33
N ALA A 158 -26.01 -29.42 21.84
CA ALA A 158 -27.10 -28.87 21.03
C ALA A 158 -26.65 -27.65 20.27
N THR A 159 -25.92 -26.74 20.94
CA THR A 159 -25.41 -25.50 20.30
C THR A 159 -24.37 -25.80 19.23
N VAL A 160 -23.40 -26.65 19.55
CA VAL A 160 -22.40 -27.07 18.57
C VAL A 160 -23.04 -27.72 17.32
N GLN A 161 -24.03 -28.61 17.51
CA GLN A 161 -24.74 -29.25 16.40
C GLN A 161 -25.41 -28.21 15.51
N MET A 162 -26.10 -27.26 16.14
CA MET A 162 -26.73 -26.16 15.43
C MET A 162 -25.70 -25.39 14.63
N LEU A 163 -24.63 -24.93 15.29
CA LEU A 163 -23.58 -24.13 14.65
C LEU A 163 -23.01 -24.78 13.43
N LEU A 164 -22.68 -26.07 13.55
CA LEU A 164 -22.08 -26.84 12.47
C LEU A 164 -23.04 -27.21 11.36
N ASN A 165 -24.24 -27.66 11.74
CA ASN A 165 -25.23 -28.15 10.77
C ASN A 165 -26.01 -27.05 10.07
N ASP A 166 -26.23 -25.96 10.80
CA ASP A 166 -27.18 -24.95 10.33
C ASP A 166 -26.55 -23.58 10.17
N THR A 167 -25.89 -23.07 11.22
CA THR A 167 -25.36 -21.70 11.18
C THR A 167 -24.24 -21.59 10.17
N CYS A 168 -23.27 -22.50 10.25
CA CYS A 168 -22.10 -22.42 9.39
C CYS A 168 -22.44 -22.40 7.88
N PRO A 169 -23.15 -23.42 7.35
CA PRO A 169 -23.51 -23.32 5.93
C PRO A 169 -24.34 -22.08 5.53
N LEU A 170 -25.34 -21.69 6.33
CA LEU A 170 -26.11 -20.48 6.03
C LEU A 170 -25.23 -19.22 5.99
N PHE A 171 -24.38 -19.04 6.99
CA PHE A 171 -23.48 -17.89 7.04
C PHE A 171 -22.56 -17.85 5.82
N VAL A 172 -21.99 -19.01 5.49
CA VAL A 172 -21.05 -19.14 4.37
C VAL A 172 -21.73 -18.91 3.03
N ARG A 173 -22.98 -19.31 2.88
CA ARG A 173 -23.71 -19.00 1.65
C ARG A 173 -23.78 -17.49 1.48
N GLY A 174 -24.04 -16.78 2.57
CA GLY A 174 -24.15 -15.33 2.55
C GLY A 174 -22.81 -14.66 2.26
N LEU A 175 -21.74 -15.24 2.79
CA LEU A 175 -20.37 -14.73 2.61
C LEU A 175 -19.91 -14.79 1.16
N LEU A 176 -20.14 -15.96 0.54
CA LEU A 176 -19.79 -16.21 -0.86
C LEU A 176 -20.51 -15.24 -1.76
N GLU A 177 -21.75 -14.94 -1.42
CA GLU A 177 -22.56 -13.93 -2.11
C GLU A 177 -21.96 -12.53 -1.91
N ALA A 178 -21.83 -12.11 -0.66
CA ALA A 178 -21.37 -10.75 -0.34
C ALA A 178 -19.90 -10.46 -0.74
N GLY A 179 -19.07 -11.49 -0.75
CA GLY A 179 -17.63 -11.33 -1.07
C GLY A 179 -17.28 -11.75 -2.48
N LYS A 180 -18.29 -11.95 -3.32
CA LYS A 180 -18.16 -12.38 -4.71
C LYS A 180 -17.08 -11.65 -5.53
N SER A 181 -17.06 -10.32 -5.46
CA SER A 181 -16.10 -9.54 -6.26
C SER A 181 -14.67 -9.84 -5.81
N ASP A 182 -14.45 -9.99 -4.51
CA ASP A 182 -13.09 -10.25 -4.02
C ASP A 182 -12.66 -11.67 -4.29
N LEU A 183 -13.59 -12.60 -4.11
CA LEU A 183 -13.33 -14.00 -4.30
C LEU A 183 -12.97 -14.29 -5.74
N GLU A 184 -13.58 -13.52 -6.64
CA GLU A 184 -13.36 -13.60 -8.07
C GLU A 184 -12.38 -12.55 -8.63
N LYS A 185 -11.73 -11.76 -7.77
CA LYS A 185 -10.75 -10.78 -8.27
C LYS A 185 -9.64 -11.47 -9.06
N GLN A 186 -9.08 -10.72 -10.01
CA GLN A 186 -7.97 -11.20 -10.82
C GLN A 186 -6.82 -10.20 -10.66
N GLU A 187 -5.67 -10.64 -10.15
CA GLU A 187 -4.47 -9.80 -10.08
C GLU A 187 -3.41 -10.45 -10.96
N LYS A 188 -2.72 -9.64 -11.77
CA LYS A 188 -1.76 -10.15 -12.77
C LYS A 188 -0.38 -10.47 -12.20
N PRO A 189 0.18 -11.62 -12.60
CA PRO A 189 1.52 -11.91 -12.13
C PRO A 189 2.53 -10.98 -12.80
N VAL A 190 3.66 -10.74 -12.13
CA VAL A 190 4.81 -10.11 -12.78
C VAL A 190 5.94 -11.12 -12.64
N ALA A 191 6.73 -11.28 -13.70
CA ALA A 191 7.81 -12.26 -13.59
C ALA A 191 9.16 -11.64 -13.85
N TRP A 192 10.18 -12.27 -13.28
CA TRP A 192 11.55 -11.86 -13.55
C TRP A 192 12.46 -13.06 -13.44
N LEU A 193 13.59 -13.02 -14.15
CA LEU A 193 14.53 -14.13 -14.18
C LEU A 193 15.77 -13.84 -13.34
N SER A 194 16.42 -14.89 -12.87
CA SER A 194 17.71 -14.76 -12.20
C SER A 194 18.45 -16.08 -12.25
N SER A 195 19.69 -16.10 -11.80
CA SER A 195 20.40 -17.36 -11.68
C SER A 195 21.61 -17.16 -10.81
N VAL A 196 22.20 -18.29 -10.41
CA VAL A 196 23.44 -18.26 -9.65
C VAL A 196 24.47 -19.06 -10.41
N PRO A 197 25.62 -18.43 -10.69
CA PRO A 197 26.77 -19.11 -11.29
C PRO A 197 27.57 -19.85 -10.21
N GLY A 202 30.40 -27.04 -15.29
CA GLY A 202 29.74 -25.76 -14.59
C GLY A 202 28.26 -25.71 -14.98
N HIS A 203 27.39 -25.93 -13.99
CA HIS A 203 25.94 -25.93 -14.21
C HIS A 203 25.27 -24.77 -13.50
N ARG A 204 24.40 -24.05 -14.22
CA ARG A 204 23.64 -22.94 -13.64
C ARG A 204 22.21 -23.34 -13.27
N GLN A 205 21.75 -22.83 -12.13
CA GLN A 205 20.37 -23.00 -11.75
C GLN A 205 19.65 -21.73 -12.21
N LEU A 206 18.72 -21.86 -13.17
CA LEU A 206 17.94 -20.70 -13.64
C LEU A 206 16.67 -20.60 -12.83
N VAL A 207 16.25 -19.38 -12.53
CA VAL A 207 15.09 -19.18 -11.66
C VAL A 207 14.09 -18.20 -12.26
N CYS A 208 12.85 -18.63 -12.41
CA CYS A 208 11.81 -17.77 -12.89
C CYS A 208 10.85 -17.48 -11.75
N HIS A 209 10.83 -16.21 -11.31
CA HIS A 209 10.01 -15.72 -10.20
C HIS A 209 8.74 -15.12 -10.72
N VAL A 210 7.61 -15.48 -10.10
CA VAL A 210 6.30 -14.98 -10.53
C VAL A 210 5.59 -14.50 -9.27
N SER A 211 5.20 -13.23 -9.26
CA SER A 211 4.65 -12.65 -8.05
C SER A 211 3.48 -11.69 -8.31
N GLY A 212 2.53 -11.67 -7.36
CA GLY A 212 1.44 -10.73 -7.41
C GLY A 212 0.18 -11.29 -8.05
N PHE A 213 0.12 -12.60 -8.33
CA PHE A 213 -1.07 -13.19 -8.97
C PHE A 213 -2.15 -13.63 -7.97
N TYR A 214 -3.39 -13.51 -8.42
CA TYR A 214 -4.55 -13.94 -7.69
C TYR A 214 -5.65 -14.21 -8.73
N PRO A 215 -6.35 -15.34 -8.64
CA PRO A 215 -6.31 -16.44 -7.68
C PRO A 215 -5.10 -17.36 -7.83
N LYS A 216 -4.99 -18.32 -6.93
CA LYS A 216 -3.83 -19.21 -6.84
C LYS A 216 -3.45 -20.05 -8.08
N PRO A 217 -4.44 -20.65 -8.79
CA PRO A 217 -4.00 -21.45 -9.93
C PRO A 217 -3.15 -20.68 -10.97
N VAL A 218 -2.03 -21.24 -11.36
CA VAL A 218 -1.09 -20.61 -12.30
C VAL A 218 -0.29 -21.73 -12.99
N TRP A 219 0.25 -21.44 -14.17
CA TRP A 219 1.15 -22.37 -14.84
C TRP A 219 2.42 -21.63 -15.18
N VAL A 220 3.55 -22.22 -14.80
CA VAL A 220 4.84 -21.62 -15.02
C VAL A 220 5.78 -22.72 -15.51
N MET A 221 6.48 -22.46 -16.60
CA MET A 221 7.31 -23.50 -17.22
C MET A 221 8.46 -22.94 -18.03
N TRP A 222 9.62 -23.59 -17.94
CA TRP A 222 10.76 -23.23 -18.75
C TRP A 222 10.61 -23.94 -20.09
N MET A 223 10.86 -23.20 -21.18
CA MET A 223 10.66 -23.73 -22.53
C MET A 223 11.89 -23.44 -23.34
N ARG A 224 12.06 -24.20 -24.42
CA ARG A 224 13.01 -23.87 -25.45
C ARG A 224 12.17 -23.96 -26.71
N GLY A 225 11.68 -22.81 -27.15
CA GLY A 225 10.69 -22.72 -28.20
C GLY A 225 9.42 -23.34 -27.63
N ASP A 226 8.94 -24.39 -28.31
CA ASP A 226 7.69 -25.03 -27.90
C ASP A 226 7.84 -26.30 -27.04
N GLN A 227 9.09 -26.75 -26.90
CA GLN A 227 9.44 -27.92 -26.10
C GLN A 227 9.52 -27.60 -24.60
N GLU A 228 8.75 -28.34 -23.81
CA GLU A 228 8.75 -28.18 -22.36
C GLU A 228 10.02 -28.72 -21.75
N GLN A 229 10.63 -27.93 -20.84
CA GLN A 229 11.84 -28.35 -20.14
C GLN A 229 11.44 -29.19 -18.94
N GLN A 230 11.54 -30.50 -19.09
CA GLN A 230 11.10 -31.45 -18.06
C GLN A 230 11.73 -31.31 -16.67
N GLY A 231 12.92 -30.72 -16.59
CA GLY A 231 13.59 -30.48 -15.31
C GLY A 231 13.05 -29.30 -14.54
N THR A 232 12.03 -28.63 -15.08
CA THR A 232 11.43 -27.51 -14.38
C THR A 232 10.88 -28.01 -13.05
N HIS A 233 11.35 -27.41 -11.96
CA HIS A 233 10.93 -27.80 -10.62
C HIS A 233 10.19 -26.60 -10.03
N ARG A 234 8.90 -26.77 -9.75
CA ARG A 234 8.08 -25.66 -9.21
C ARG A 234 8.27 -25.63 -7.69
N GLY A 235 8.46 -24.44 -7.13
CA GLY A 235 8.60 -24.28 -5.68
C GLY A 235 7.24 -24.24 -4.99
N ASP A 236 7.22 -23.92 -3.70
CA ASP A 236 5.92 -23.81 -3.00
C ASP A 236 5.24 -22.51 -3.36
N PHE A 237 3.92 -22.44 -3.17
CA PHE A 237 3.24 -21.15 -3.27
C PHE A 237 3.48 -20.43 -1.96
N LEU A 238 3.97 -19.19 -2.06
CA LEU A 238 4.33 -18.36 -0.91
C LEU A 238 3.43 -17.14 -0.89
N PRO A 239 2.88 -16.77 0.28
CA PRO A 239 1.99 -15.56 0.27
C PRO A 239 2.69 -14.21 0.25
N ASN A 240 2.10 -13.25 -0.46
CA ASN A 240 2.53 -11.87 -0.30
C ASN A 240 1.58 -11.28 0.75
N ALA A 241 1.94 -10.13 1.33
CA ALA A 241 1.15 -9.53 2.39
C ALA A 241 -0.16 -8.90 1.88
N ASP A 242 -0.24 -8.67 0.58
CA ASP A 242 -1.36 -7.99 -0.05
C ASP A 242 -2.34 -8.96 -0.69
N GLU A 243 -2.40 -10.18 -0.16
CA GLU A 243 -3.33 -11.20 -0.65
C GLU A 243 -3.16 -11.54 -2.12
N THR A 244 -1.91 -11.72 -2.51
CA THR A 244 -1.55 -12.24 -3.81
C THR A 244 -0.52 -13.31 -3.52
N TRP A 245 -0.07 -13.99 -4.57
CA TRP A 245 0.82 -15.13 -4.43
C TRP A 245 2.16 -14.95 -5.11
N TYR A 246 3.13 -15.76 -4.68
CA TYR A 246 4.47 -15.75 -5.19
C TYR A 246 4.78 -17.21 -5.48
N LEU A 247 5.41 -17.47 -6.64
CA LEU A 247 5.84 -18.79 -6.97
C LEU A 247 7.12 -18.69 -7.79
N GLN A 248 8.05 -19.60 -7.55
CA GLN A 248 9.22 -19.66 -8.40
C GLN A 248 9.42 -21.02 -9.03
N ALA A 249 9.98 -21.02 -10.24
CA ALA A 249 10.26 -22.25 -10.97
C ALA A 249 11.69 -22.25 -11.46
N THR A 250 12.41 -23.31 -11.12
CA THR A 250 13.84 -23.44 -11.45
C THR A 250 14.19 -24.58 -12.39
N LEU A 251 15.34 -24.40 -13.05
CA LEU A 251 15.82 -25.34 -14.05
C LEU A 251 17.31 -25.45 -13.99
N ASP A 252 17.80 -26.66 -13.77
CA ASP A 252 19.24 -26.92 -13.79
C ASP A 252 19.69 -27.04 -15.24
N VAL A 253 20.68 -26.21 -15.62
CA VAL A 253 21.23 -26.19 -16.98
C VAL A 253 22.76 -26.19 -17.02
N GLU A 254 23.34 -26.58 -18.16
CA GLU A 254 24.79 -26.50 -18.38
C GLU A 254 25.13 -25.12 -18.94
N ALA A 255 26.19 -24.49 -18.43
CA ALA A 255 26.60 -23.16 -18.90
C ALA A 255 26.81 -23.16 -20.43
N GLY A 256 26.24 -22.18 -21.11
CA GLY A 256 26.27 -22.11 -22.57
C GLY A 256 25.11 -22.96 -23.10
N GLU A 257 23.95 -22.77 -22.49
CA GLU A 257 22.74 -23.54 -22.80
C GLU A 257 21.52 -22.71 -22.40
N GLU A 258 21.78 -21.63 -21.66
CA GLU A 258 20.74 -20.71 -21.21
C GLU A 258 20.14 -19.96 -22.40
N ALA A 259 20.98 -19.63 -23.37
CA ALA A 259 20.53 -19.00 -24.61
C ALA A 259 19.43 -19.88 -25.23
N GLY A 260 18.34 -19.11 -25.73
CA GLY A 260 17.22 -19.88 -26.32
C GLY A 260 16.10 -20.23 -25.33
N LEU A 261 16.46 -20.34 -24.05
CA LEU A 261 15.50 -20.69 -23.00
C LEU A 261 14.60 -19.52 -22.62
N ALA A 262 13.37 -19.84 -22.24
CA ALA A 262 12.38 -18.83 -21.87
C ALA A 262 11.47 -19.37 -20.78
N CYS A 263 10.98 -18.51 -19.90
CA CYS A 263 10.02 -18.88 -18.90
C CYS A 263 8.66 -18.40 -19.38
N ARG A 264 7.68 -19.30 -19.45
CA ARG A 264 6.34 -18.90 -19.88
C ARG A 264 5.36 -18.96 -18.71
N VAL A 265 4.52 -17.94 -18.58
CA VAL A 265 3.54 -17.86 -17.50
C VAL A 265 2.14 -17.75 -18.06
N LYS A 266 1.26 -18.63 -17.61
CA LYS A 266 -0.15 -18.57 -17.94
C LYS A 266 -0.91 -18.39 -16.64
N HIS A 267 -1.88 -17.50 -16.65
CA HIS A 267 -2.65 -17.22 -15.47
C HIS A 267 -3.96 -16.64 -15.98
N SER A 268 -5.02 -16.94 -15.26
CA SER A 268 -6.36 -16.51 -15.61
C SER A 268 -6.53 -14.98 -15.84
N SER A 269 -5.76 -14.16 -15.13
CA SER A 269 -5.87 -12.70 -15.21
C SER A 269 -5.28 -12.10 -16.48
N LEU A 270 -4.49 -12.90 -17.20
CA LEU A 270 -3.82 -12.43 -18.41
C LEU A 270 -4.64 -12.48 -19.72
N GLY A 271 -5.65 -13.34 -19.76
CA GLY A 271 -6.55 -13.42 -20.93
C GLY A 271 -5.94 -13.67 -22.30
N GLY A 272 -4.99 -14.59 -22.37
CA GLY A 272 -4.38 -14.90 -23.66
C GLY A 272 -3.04 -14.23 -23.86
N GLN A 273 -2.73 -13.25 -23.02
CA GLN A 273 -1.49 -12.51 -23.11
C GLN A 273 -0.48 -13.10 -22.12
N ASP A 274 -0.05 -14.35 -22.36
CA ASP A 274 0.90 -15.06 -21.47
C ASP A 274 2.17 -14.25 -21.36
N ILE A 275 2.85 -14.35 -20.23
CA ILE A 275 4.17 -13.74 -20.09
C ILE A 275 5.16 -14.78 -20.64
N ILE A 276 6.06 -14.35 -21.52
CA ILE A 276 7.15 -15.21 -22.01
C ILE A 276 8.44 -14.39 -21.87
N LEU A 277 9.30 -14.77 -20.93
CA LEU A 277 10.53 -14.04 -20.68
C LEU A 277 11.74 -14.82 -21.15
N TYR A 278 12.46 -14.28 -22.12
CA TYR A 278 13.62 -14.96 -22.70
C TYR A 278 14.88 -14.71 -21.87
N TRP A 279 15.63 -15.78 -21.62
CA TRP A 279 16.92 -15.66 -20.92
C TRP A 279 17.87 -14.76 -21.70
N GLN B 2 7.37 -30.64 19.18
CA GLN B 2 8.28 -29.49 18.84
C GLN B 2 8.82 -29.65 17.41
N LYS B 3 8.50 -28.67 16.57
CA LYS B 3 8.90 -28.63 15.15
C LYS B 3 9.68 -27.36 14.88
N THR B 4 10.79 -27.53 14.16
CA THR B 4 11.72 -26.46 13.81
C THR B 4 11.20 -25.63 12.62
N PRO B 5 11.23 -24.28 12.75
CA PRO B 5 10.68 -23.45 11.64
C PRO B 5 11.52 -23.41 10.39
N GLN B 6 10.84 -23.34 9.25
CA GLN B 6 11.48 -23.14 7.96
C GLN B 6 11.30 -21.69 7.61
N ILE B 7 12.31 -21.12 6.95
CA ILE B 7 12.28 -19.68 6.69
C ILE B 7 12.55 -19.44 5.22
N GLN B 8 11.70 -18.66 4.59
CA GLN B 8 11.87 -18.30 3.18
C GLN B 8 11.75 -16.77 3.08
N VAL B 9 12.68 -16.18 2.35
CA VAL B 9 12.81 -14.73 2.22
C VAL B 9 12.77 -14.38 0.73
N TYR B 10 11.83 -13.51 0.34
CA TYR B 10 11.63 -13.17 -1.07
C TYR B 10 11.02 -11.80 -1.19
N SER B 11 11.21 -11.17 -2.33
CA SER B 11 10.63 -9.85 -2.52
C SER B 11 9.27 -9.84 -3.19
N ARG B 12 8.49 -8.79 -2.90
CA ARG B 12 7.16 -8.60 -3.49
C ARG B 12 7.24 -8.32 -5.01
N HIS B 13 8.17 -7.44 -5.42
CA HIS B 13 8.33 -6.99 -6.80
C HIS B 13 9.74 -7.35 -7.27
N PRO B 14 10.01 -7.29 -8.61
CA PRO B 14 11.37 -7.50 -9.13
C PRO B 14 12.33 -6.57 -8.38
N PRO B 15 13.40 -7.11 -7.78
CA PRO B 15 14.32 -6.22 -7.09
C PRO B 15 15.15 -5.40 -8.06
N GLU B 16 14.90 -4.10 -8.08
CA GLU B 16 15.66 -3.14 -8.89
C GLU B 16 16.40 -2.21 -7.94
N ASN B 17 17.70 -2.00 -8.16
CA ASN B 17 18.50 -1.19 -7.25
C ASN B 17 17.98 0.23 -7.11
N GLY B 18 17.90 0.69 -5.86
CA GLY B 18 17.40 2.03 -5.56
C GLY B 18 15.88 2.20 -5.64
N LYS B 19 15.14 1.14 -6.01
CA LYS B 19 13.68 1.24 -6.11
C LYS B 19 12.96 0.57 -4.93
N PRO B 20 12.08 1.34 -4.24
CA PRO B 20 11.36 0.81 -3.06
C PRO B 20 10.57 -0.46 -3.39
N ASN B 21 10.59 -1.39 -2.45
CA ASN B 21 10.04 -2.74 -2.63
C ASN B 21 9.58 -3.23 -1.25
N ILE B 22 9.12 -4.48 -1.18
CA ILE B 22 8.74 -5.09 0.09
C ILE B 22 9.44 -6.44 0.19
N LEU B 23 10.11 -6.69 1.32
CA LEU B 23 10.75 -8.01 1.51
C LEU B 23 9.90 -8.81 2.48
N ASN B 24 9.67 -10.06 2.11
CA ASN B 24 8.87 -10.98 2.88
C ASN B 24 9.75 -12.03 3.55
N CYS B 25 9.35 -12.39 4.76
CA CYS B 25 9.94 -13.49 5.48
C CYS B 25 8.81 -14.42 5.92
N TYR B 26 8.73 -15.60 5.31
CA TYR B 26 7.67 -16.56 5.58
C TYR B 26 8.21 -17.68 6.44
N VAL B 27 7.67 -17.78 7.65
CA VAL B 27 8.14 -18.74 8.62
C VAL B 27 7.07 -19.82 8.81
N THR B 28 7.44 -21.07 8.62
CA THR B 28 6.44 -22.12 8.59
C THR B 28 6.88 -23.40 9.29
N GLN B 29 5.90 -24.30 9.47
CA GLN B 29 6.17 -25.65 9.93
C GLN B 29 6.74 -25.74 11.36
N PHE B 30 6.35 -24.81 12.22
CA PHE B 30 6.85 -24.81 13.60
C PHE B 30 5.82 -25.12 14.69
N HIS B 31 6.30 -25.59 15.84
CA HIS B 31 5.45 -25.88 17.02
C HIS B 31 6.43 -25.93 18.17
N PRO B 32 6.12 -25.28 19.32
CA PRO B 32 4.89 -24.52 19.65
C PRO B 32 4.80 -23.17 18.93
N PRO B 33 3.67 -22.47 19.09
CA PRO B 33 3.52 -21.21 18.33
C PRO B 33 4.38 -20.03 18.80
N HIS B 34 4.93 -20.07 20.01
CA HIS B 34 5.75 -18.98 20.50
C HIS B 34 7.03 -18.81 19.66
N ILE B 35 7.20 -17.61 19.11
CA ILE B 35 8.29 -17.34 18.19
C ILE B 35 8.64 -15.84 18.18
N GLU B 36 9.90 -15.53 17.87
CA GLU B 36 10.33 -14.14 17.71
C GLU B 36 11.01 -14.02 16.36
N ILE B 37 10.54 -13.09 15.53
CA ILE B 37 11.04 -12.87 14.19
C ILE B 37 11.49 -11.40 14.03
N GLN B 38 12.67 -11.22 13.45
CA GLN B 38 13.24 -9.90 13.21
C GLN B 38 13.67 -9.89 11.76
N MET B 39 13.70 -8.72 11.15
CA MET B 39 14.26 -8.62 9.80
C MET B 39 15.39 -7.66 9.99
N LEU B 40 16.51 -7.92 9.30
CA LEU B 40 17.76 -7.24 9.50
C LEU B 40 18.23 -6.54 8.24
N LYS B 41 18.84 -5.37 8.43
CA LYS B 41 19.46 -4.64 7.34
C LYS B 41 20.87 -4.44 7.81
N ASN B 42 21.82 -5.05 7.09
CA ASN B 42 23.23 -5.01 7.45
C ASN B 42 23.48 -5.50 8.87
N GLY B 43 22.72 -6.53 9.25
CA GLY B 43 22.85 -7.16 10.55
C GLY B 43 22.10 -6.48 11.69
N LYS B 44 21.47 -5.36 11.37
CA LYS B 44 20.78 -4.50 12.35
C LYS B 44 19.27 -4.59 12.19
N LYS B 45 18.58 -4.77 13.33
CA LYS B 45 17.12 -4.92 13.37
C LYS B 45 16.38 -3.76 12.72
N ILE B 46 15.45 -4.09 11.82
CA ILE B 46 14.58 -3.10 11.16
C ILE B 46 13.43 -2.87 12.14
N PRO B 47 13.20 -1.61 12.56
CA PRO B 47 12.16 -1.36 13.57
C PRO B 47 10.71 -1.44 13.06
N LYS B 48 10.46 -1.19 11.80
CA LYS B 48 9.07 -1.09 11.36
C LYS B 48 8.30 -2.37 10.96
N VAL B 49 8.89 -3.55 11.13
CA VAL B 49 8.37 -4.84 10.62
C VAL B 49 6.92 -5.24 10.92
N GLU B 50 6.15 -5.53 9.87
CA GLU B 50 4.74 -5.90 10.04
C GLU B 50 4.59 -7.39 10.01
N MET B 51 3.74 -7.92 10.89
CA MET B 51 3.53 -9.37 11.00
C MET B 51 2.08 -9.74 10.65
N SER B 52 1.89 -10.81 9.89
CA SER B 52 0.53 -11.31 9.67
C SER B 52 0.02 -11.96 10.97
N ASP B 53 -1.28 -12.24 11.02
CA ASP B 53 -1.84 -12.97 12.13
C ASP B 53 -1.23 -14.37 12.01
N MET B 54 -0.90 -15.00 13.13
CA MET B 54 -0.41 -16.35 13.02
C MET B 54 -1.56 -17.26 12.61
N SER B 55 -1.26 -18.33 11.90
CA SER B 55 -2.30 -19.29 11.56
C SER B 55 -1.70 -20.69 11.65
N PHE B 56 -2.44 -21.70 11.23
CA PHE B 56 -1.86 -23.05 11.19
C PHE B 56 -2.40 -23.82 10.02
N SER B 57 -1.61 -24.78 9.57
CA SER B 57 -1.94 -25.60 8.42
C SER B 57 -2.73 -26.86 8.79
N LYS B 58 -3.14 -27.59 7.76
CA LYS B 58 -3.83 -28.88 7.92
C LYS B 58 -3.10 -29.83 8.85
N ASP B 59 -1.76 -29.82 8.83
CA ASP B 59 -1.02 -30.74 9.73
C ASP B 59 -0.82 -30.15 11.13
N TRP B 60 -1.48 -29.03 11.41
CA TRP B 60 -1.47 -28.36 12.72
C TRP B 60 -0.21 -27.53 13.02
N SER B 61 0.74 -27.49 12.08
CA SER B 61 1.92 -26.67 12.28
C SER B 61 1.58 -25.21 11.94
N PHE B 62 2.25 -24.31 12.64
CA PHE B 62 1.98 -22.90 12.58
C PHE B 62 2.79 -22.22 11.49
N TYR B 63 2.27 -21.07 11.03
CA TYR B 63 2.95 -20.26 10.01
C TYR B 63 2.60 -18.81 10.21
N ILE B 64 3.53 -17.95 9.80
CA ILE B 64 3.36 -16.50 9.95
C ILE B 64 4.15 -15.80 8.85
N LEU B 65 3.62 -14.70 8.33
CA LEU B 65 4.34 -13.84 7.39
C LEU B 65 4.73 -12.45 8.01
N ALA B 66 6.01 -12.12 7.93
CA ALA B 66 6.55 -10.82 8.29
C ALA B 66 6.98 -10.10 7.01
N HIS B 67 6.76 -8.80 6.94
CA HIS B 67 7.24 -8.09 5.76
C HIS B 67 7.68 -6.73 6.19
N THR B 68 8.52 -6.14 5.37
CA THR B 68 8.94 -4.79 5.65
C THR B 68 9.26 -4.09 4.32
N GLU B 69 9.03 -2.78 4.27
CA GLU B 69 9.47 -1.98 3.13
C GLU B 69 10.99 -2.00 3.07
N PHE B 70 11.54 -2.00 1.85
CA PHE B 70 12.98 -2.00 1.68
C PHE B 70 13.35 -1.56 0.29
N THR B 71 14.58 -1.10 0.13
CA THR B 71 15.07 -0.67 -1.16
C THR B 71 16.35 -1.42 -1.42
N PRO B 72 16.31 -2.40 -2.34
CA PRO B 72 17.58 -3.07 -2.57
C PRO B 72 18.58 -2.13 -3.18
N THR B 73 19.86 -2.36 -2.88
CA THR B 73 20.99 -1.65 -3.48
C THR B 73 22.00 -2.77 -3.75
N GLU B 74 23.28 -2.50 -3.89
CA GLU B 74 24.21 -3.64 -3.92
C GLU B 74 25.26 -3.36 -2.89
N THR B 75 24.82 -2.71 -1.81
CA THR B 75 25.67 -2.36 -0.68
C THR B 75 25.02 -2.77 0.65
N ASP B 76 23.77 -3.20 0.60
CA ASP B 76 23.03 -3.60 1.80
C ASP B 76 22.63 -5.06 1.76
N THR B 77 22.79 -5.77 2.87
CA THR B 77 22.34 -7.16 2.99
C THR B 77 21.10 -7.14 3.84
N TYR B 78 20.19 -8.08 3.57
CA TYR B 78 18.93 -8.19 4.30
C TYR B 78 18.76 -9.62 4.73
N ALA B 79 18.22 -9.82 5.92
CA ALA B 79 18.04 -11.16 6.46
C ALA B 79 16.80 -11.23 7.32
N CYS B 80 16.35 -12.46 7.57
CA CYS B 80 15.30 -12.75 8.54
C CYS B 80 15.89 -13.61 9.62
N ARG B 81 15.70 -13.25 10.90
CA ARG B 81 16.27 -13.97 12.03
C ARG B 81 15.13 -14.45 12.94
N VAL B 82 15.18 -15.75 13.27
CA VAL B 82 14.12 -16.42 14.01
C VAL B 82 14.64 -17.12 15.28
N LYS B 83 13.99 -16.83 16.39
CA LYS B 83 14.26 -17.48 17.65
C LYS B 83 13.03 -18.33 18.01
N HIS B 84 13.29 -19.62 18.23
CA HIS B 84 12.22 -20.58 18.55
C HIS B 84 12.81 -21.64 19.50
N ALA B 85 11.96 -22.19 20.37
CA ALA B 85 12.39 -23.20 21.37
C ALA B 85 13.04 -24.45 20.80
N SER B 86 12.65 -24.83 19.58
CA SER B 86 13.17 -26.03 18.90
C SER B 86 14.65 -25.95 18.49
N MET B 87 15.22 -24.75 18.56
CA MET B 87 16.59 -24.52 18.14
C MET B 87 17.35 -23.87 19.29
N ALA B 88 18.59 -24.32 19.51
CA ALA B 88 19.41 -23.81 20.60
C ALA B 88 19.92 -22.41 20.35
N GLU B 89 19.94 -22.00 19.08
CA GLU B 89 20.44 -20.69 18.68
C GLU B 89 19.52 -20.11 17.59
N PRO B 90 19.45 -18.77 17.51
CA PRO B 90 18.67 -18.13 16.45
C PRO B 90 19.09 -18.60 15.06
N LYS B 91 18.17 -18.60 14.12
CA LYS B 91 18.49 -18.98 12.76
C LYS B 91 18.35 -17.72 11.95
N THR B 92 19.39 -17.34 11.20
CA THR B 92 19.31 -16.20 10.30
C THR B 92 19.38 -16.69 8.85
N VAL B 93 18.45 -16.24 8.04
CA VAL B 93 18.58 -16.50 6.62
C VAL B 93 18.58 -15.22 5.81
N TYR B 94 19.58 -15.12 4.93
CA TYR B 94 19.80 -13.92 4.15
C TYR B 94 18.99 -13.93 2.88
N TRP B 95 18.49 -12.77 2.48
CA TRP B 95 17.83 -12.61 1.20
C TRP B 95 18.94 -12.75 0.16
N ASP B 96 18.69 -13.58 -0.85
CA ASP B 96 19.74 -13.93 -1.84
C ASP B 96 19.78 -13.03 -3.07
N ARG B 97 18.98 -11.99 -3.04
CA ARG B 97 19.12 -10.88 -3.97
C ARG B 97 18.45 -11.12 -5.29
N ASP B 98 17.95 -12.35 -5.44
CA ASP B 98 17.22 -12.82 -6.61
C ASP B 98 15.75 -12.97 -6.23
N MET B 99 15.54 -13.69 -5.12
CA MET B 99 14.22 -14.06 -4.58
C MET B 99 13.28 -12.87 -4.39
N ASN C 7 -13.65 17.06 -18.45
CA ASN C 7 -13.12 16.08 -17.44
C ASN C 7 -12.15 16.69 -16.41
N TYR C 8 -12.63 16.91 -15.19
CA TYR C 8 -11.84 17.53 -14.13
C TYR C 8 -11.89 16.71 -12.86
N THR C 9 -10.75 16.68 -12.18
CA THR C 9 -10.64 16.03 -10.89
C THR C 9 -10.48 17.07 -9.80
N PHE C 10 -11.30 16.97 -8.77
CA PHE C 10 -11.23 17.87 -7.66
C PHE C 10 -10.62 17.08 -6.49
N ARG C 11 -9.50 17.54 -5.94
CA ARG C 11 -8.75 16.85 -4.88
C ARG C 11 -8.56 17.69 -3.65
N CYS C 12 -9.06 17.23 -2.50
CA CYS C 12 -8.74 17.83 -1.20
C CYS C 12 -7.62 16.99 -0.62
N LEU C 13 -6.47 17.60 -0.37
CA LEU C 13 -5.27 16.88 0.12
C LEU C 13 -4.99 17.34 1.54
N GLN C 14 -5.07 16.44 2.52
CA GLN C 14 -4.75 16.78 3.90
C GLN C 14 -3.46 16.09 4.28
N MET C 15 -2.57 16.81 4.93
CA MET C 15 -1.32 16.26 5.42
C MET C 15 -1.24 16.58 6.89
N SER C 16 -1.21 15.54 7.72
CA SER C 16 -1.14 15.69 9.17
C SER C 16 0.14 15.06 9.68
N SER C 17 0.92 15.79 10.48
CA SER C 17 2.14 15.26 11.07
C SER C 17 2.02 15.21 12.58
N PHE C 18 2.39 14.07 13.17
CA PHE C 18 2.35 13.89 14.63
C PHE C 18 3.80 13.55 15.02
N ALA C 19 4.49 14.51 15.63
CA ALA C 19 5.91 14.35 15.99
C ALA C 19 6.06 13.65 17.32
N ASN C 20 5.15 13.99 18.23
CA ASN C 20 5.09 13.41 19.57
C ASN C 20 3.74 13.69 20.18
N ARG C 21 3.57 13.28 21.43
CA ARG C 21 2.32 13.48 22.14
C ARG C 21 1.93 14.97 22.23
N SER C 22 2.93 15.84 22.21
CA SER C 22 2.69 17.28 22.39
C SER C 22 2.84 18.18 21.13
N TRP C 23 2.95 17.58 19.95
CA TRP C 23 3.21 18.36 18.75
C TRP C 23 2.55 17.71 17.55
N SER C 24 1.67 18.44 16.87
CA SER C 24 1.14 18.01 15.56
C SER C 24 0.57 19.18 14.81
N ARG C 25 0.43 18.98 13.50
CA ARG C 25 -0.17 19.95 12.64
C ARG C 25 -0.84 19.26 11.47
N THR C 26 -1.85 19.93 10.94
CA THR C 26 -2.60 19.42 9.84
C THR C 26 -2.69 20.61 8.85
N ASP C 27 -2.29 20.38 7.61
CA ASP C 27 -2.40 21.42 6.60
C ASP C 27 -3.07 20.77 5.41
N SER C 28 -3.91 21.54 4.73
CA SER C 28 -4.60 21.07 3.56
C SER C 28 -4.45 21.99 2.35
N VAL C 29 -4.53 21.40 1.17
CA VAL C 29 -4.59 22.18 -0.07
C VAL C 29 -5.70 21.55 -0.94
N VAL C 30 -6.35 22.34 -1.77
CA VAL C 30 -7.41 21.81 -2.60
C VAL C 30 -7.10 22.20 -4.06
N TRP C 31 -7.27 21.26 -4.97
CA TRP C 31 -6.96 21.45 -6.37
C TRP C 31 -8.18 21.14 -7.23
N LEU C 32 -8.45 21.97 -8.25
CA LEU C 32 -9.45 21.65 -9.28
C LEU C 32 -8.62 21.50 -10.57
N GLY C 33 -8.46 20.28 -11.02
CA GLY C 33 -7.52 20.06 -12.14
C GLY C 33 -6.13 20.46 -11.61
N ASP C 34 -5.42 21.31 -12.35
CA ASP C 34 -4.05 21.72 -11.94
C ASP C 34 -3.96 23.10 -11.31
N LEU C 35 -5.10 23.65 -10.88
CA LEU C 35 -5.18 24.98 -10.25
C LEU C 35 -5.60 24.87 -8.79
N GLN C 36 -4.85 25.51 -7.91
CA GLN C 36 -5.12 25.46 -6.50
C GLN C 36 -6.27 26.40 -6.21
N THR C 37 -7.29 25.90 -5.51
CA THR C 37 -8.47 26.73 -5.21
C THR C 37 -8.58 27.06 -3.71
N HIS C 38 -7.99 26.25 -2.85
CA HIS C 38 -8.01 26.52 -1.44
C HIS C 38 -6.76 26.12 -0.74
N ARG C 39 -6.56 26.75 0.41
CA ARG C 39 -5.53 26.28 1.34
C ARG C 39 -6.08 26.38 2.73
N TRP C 40 -5.63 25.48 3.56
CA TRP C 40 -5.95 25.57 4.97
C TRP C 40 -4.73 25.26 5.82
N SER C 41 -4.09 26.31 6.30
CA SER C 41 -2.92 26.14 7.15
C SER C 41 -3.35 25.77 8.55
N ASN C 42 -2.54 24.94 9.18
CA ASN C 42 -2.73 24.68 10.60
C ASN C 42 -2.77 25.99 11.37
N ASP C 43 -2.07 27.01 10.85
CA ASP C 43 -1.95 28.35 11.45
C ASP C 43 -3.28 29.09 11.49
N SER C 44 -4.23 28.69 10.65
CA SER C 44 -5.51 29.42 10.48
C SER C 44 -6.73 28.66 10.99
N ALA C 45 -7.65 29.38 11.65
CA ALA C 45 -8.89 28.75 12.09
C ALA C 45 -9.84 28.51 10.89
N THR C 46 -9.61 29.25 9.80
CA THR C 46 -10.47 29.21 8.60
C THR C 46 -9.74 28.79 7.33
N ILE C 47 -10.51 28.23 6.40
CA ILE C 47 -10.05 27.81 5.10
C ILE C 47 -9.88 29.06 4.28
N SER C 48 -8.77 29.15 3.54
CA SER C 48 -8.51 30.32 2.69
C SER C 48 -8.80 30.04 1.23
N PHE C 49 -9.46 30.99 0.57
CA PHE C 49 -9.71 30.92 -0.87
C PHE C 49 -8.44 31.36 -1.59
N THR C 50 -8.00 30.63 -2.61
CA THR C 50 -6.86 31.05 -3.39
C THR C 50 -7.23 31.49 -4.82
N LYS C 51 -8.53 31.60 -5.11
CA LYS C 51 -9.03 32.10 -6.37
C LYS C 51 -10.20 33.00 -6.00
N PRO C 52 -10.50 33.99 -6.85
CA PRO C 52 -11.69 34.82 -6.64
C PRO C 52 -12.98 33.99 -6.56
N TRP C 53 -12.97 32.83 -7.24
CA TRP C 53 -14.18 32.01 -7.39
C TRP C 53 -14.25 30.77 -6.47
N SER C 54 -13.40 30.73 -5.46
CA SER C 54 -13.25 29.55 -4.61
C SER C 54 -14.47 29.15 -3.78
N GLN C 55 -15.47 30.03 -3.65
CA GLN C 55 -16.70 29.67 -2.91
C GLN C 55 -17.71 29.00 -3.87
N GLY C 56 -17.36 28.94 -5.17
CA GLY C 56 -18.23 28.38 -6.20
C GLY C 56 -19.53 29.13 -6.16
N LYS C 57 -20.62 28.39 -6.16
CA LYS C 57 -21.95 29.03 -6.13
C LYS C 57 -22.63 28.93 -4.75
N LEU C 58 -21.89 28.50 -3.74
CA LEU C 58 -22.44 28.41 -2.38
C LEU C 58 -22.70 29.78 -1.83
N SER C 59 -23.84 29.94 -1.16
CA SER C 59 -24.11 31.19 -0.45
C SER C 59 -23.14 31.35 0.71
N ASN C 60 -23.05 32.58 1.24
CA ASN C 60 -22.19 32.85 2.40
C ASN C 60 -22.52 31.93 3.57
N GLN C 61 -23.82 31.75 3.85
CA GLN C 61 -24.27 30.84 4.91
C GLN C 61 -23.86 29.36 4.69
N GLN C 62 -24.04 28.84 3.49
CA GLN C 62 -23.69 27.44 3.21
C GLN C 62 -22.18 27.21 3.24
N TRP C 63 -21.39 28.18 2.80
CA TRP C 63 -19.94 28.04 2.95
C TRP C 63 -19.59 28.01 4.45
N GLU C 64 -20.18 28.89 5.25
CA GLU C 64 -19.87 28.92 6.67
C GLU C 64 -20.20 27.58 7.35
N LYS C 65 -21.34 26.97 6.98
CA LYS C 65 -21.74 25.64 7.51
C LYS C 65 -20.75 24.55 7.15
N LEU C 66 -20.34 24.51 5.89
CA LEU C 66 -19.35 23.56 5.42
C LEU C 66 -18.02 23.76 6.14
N GLN C 67 -17.59 25.02 6.25
CA GLN C 67 -16.36 25.31 6.98
C GLN C 67 -16.41 24.84 8.45
N HIS C 68 -17.52 25.12 9.15
CA HIS C 68 -17.68 24.69 10.54
C HIS C 68 -17.51 23.16 10.68
N MET C 69 -18.06 22.43 9.74
CA MET C 69 -17.94 20.99 9.76
C MET C 69 -16.48 20.57 9.71
N PHE C 70 -15.73 21.19 8.80
CA PHE C 70 -14.31 20.91 8.68
C PHE C 70 -13.54 21.37 9.91
N GLN C 71 -13.95 22.50 10.49
CA GLN C 71 -13.32 22.95 11.71
C GLN C 71 -13.44 21.90 12.82
N VAL C 72 -14.65 21.34 12.97
CA VAL C 72 -14.88 20.31 14.01
C VAL C 72 -14.09 19.04 13.68
N TYR C 73 -14.11 18.66 12.42
CA TYR C 73 -13.37 17.51 11.97
C TYR C 73 -11.91 17.61 12.28
N ARG C 74 -11.30 18.79 12.09
CA ARG C 74 -9.85 18.93 12.26
C ARG C 74 -9.46 18.68 13.70
N VAL C 75 -10.23 19.22 14.63
CA VAL C 75 -9.93 19.04 16.05
C VAL C 75 -10.17 17.58 16.44
N SER C 76 -11.27 17.00 15.96
CA SER C 76 -11.65 15.62 16.29
C SER C 76 -10.64 14.60 15.76
N PHE C 77 -10.25 14.79 14.50
CA PHE C 77 -9.26 13.93 13.84
C PHE C 77 -7.93 13.90 14.63
N THR C 78 -7.49 15.07 15.03
CA THR C 78 -6.27 15.22 15.82
C THR C 78 -6.44 14.48 17.14
N ARG C 79 -7.54 14.75 17.84
CA ARG C 79 -7.81 14.09 19.13
C ARG C 79 -7.81 12.57 18.96
N ASP C 80 -8.56 12.08 17.95
CA ASP C 80 -8.70 10.64 17.68
C ASP C 80 -7.37 9.94 17.41
N ILE C 81 -6.54 10.50 16.53
CA ILE C 81 -5.22 9.89 16.27
C ILE C 81 -4.35 9.90 17.51
N GLN C 82 -4.32 11.02 18.23
CA GLN C 82 -3.55 11.07 19.50
C GLN C 82 -4.02 9.98 20.48
N GLU C 83 -5.33 9.78 20.60
CA GLU C 83 -5.88 8.74 21.53
C GLU C 83 -5.51 7.32 21.09
N LEU C 84 -5.56 7.08 19.80
CA LEU C 84 -5.20 5.80 19.21
C LEU C 84 -3.74 5.46 19.49
N VAL C 85 -2.88 6.48 19.37
CA VAL C 85 -1.45 6.30 19.61
C VAL C 85 -1.21 6.01 21.07
N LYS C 86 -1.86 6.77 21.97
CA LYS C 86 -1.70 6.48 23.41
C LYS C 86 -2.14 5.06 23.76
N MET C 87 -3.23 4.60 23.12
CA MET C 87 -3.79 3.27 23.38
C MET C 87 -2.87 2.13 22.92
N MET C 88 -2.21 2.36 21.79
CA MET C 88 -1.29 1.38 21.22
C MET C 88 0.12 1.38 21.79
N SER C 89 0.46 2.44 22.51
CA SER C 89 1.77 2.60 23.13
C SER C 89 2.13 1.34 23.92
N PRO C 90 3.40 0.87 23.80
CA PRO C 90 4.48 1.52 23.05
C PRO C 90 4.72 1.03 21.61
N LYS C 91 3.83 0.17 21.09
CA LYS C 91 4.11 -0.52 19.81
C LYS C 91 3.92 0.36 18.58
N GLU C 92 2.94 1.22 18.61
CA GLU C 92 2.78 2.17 17.54
C GLU C 92 3.12 3.49 18.20
N ASP C 93 4.08 4.20 17.61
CA ASP C 93 4.57 5.46 18.17
C ASP C 93 5.09 6.46 17.14
N TYR C 94 5.33 7.67 17.64
CA TYR C 94 5.72 8.81 16.87
C TYR C 94 7.14 8.70 16.29
N PRO C 95 7.43 9.37 15.14
CA PRO C 95 6.57 10.25 14.33
C PRO C 95 5.67 9.54 13.32
N ILE C 96 4.51 10.14 13.10
CA ILE C 96 3.47 9.59 12.27
C ILE C 96 3.07 10.64 11.26
N GLU C 97 2.93 10.19 10.00
CA GLU C 97 2.38 11.03 8.94
C GLU C 97 1.16 10.31 8.41
N ILE C 98 0.07 11.06 8.31
CA ILE C 98 -1.16 10.55 7.75
C ILE C 98 -1.54 11.56 6.68
N GLN C 99 -1.91 11.04 5.52
CA GLN C 99 -2.34 11.85 4.40
C GLN C 99 -3.70 11.38 3.92
N LEU C 100 -4.57 12.34 3.57
CA LEU C 100 -5.85 11.98 3.06
C LEU C 100 -6.00 12.68 1.69
N SER C 101 -6.54 11.96 0.71
CA SER C 101 -6.83 12.51 -0.60
C SER C 101 -8.28 12.21 -0.89
N ALA C 102 -9.11 13.25 -0.98
CA ALA C 102 -10.55 13.06 -1.15
C ALA C 102 -11.15 14.04 -2.15
N GLY C 103 -12.14 13.60 -2.90
CA GLY C 103 -12.78 14.52 -3.83
C GLY C 103 -13.60 13.74 -4.81
N CYS C 104 -13.67 14.25 -6.03
CA CYS C 104 -14.50 13.65 -7.03
C CYS C 104 -13.92 13.97 -8.42
N GLU C 105 -14.25 13.11 -9.38
CA GLU C 105 -13.83 13.22 -10.77
C GLU C 105 -15.13 13.50 -11.51
N MET C 106 -15.21 14.66 -12.17
CA MET C 106 -16.41 15.05 -12.94
C MET C 106 -16.34 14.57 -14.40
N TYR C 107 -17.44 13.97 -14.86
CA TYR C 107 -17.53 13.51 -16.25
C TYR C 107 -18.73 14.16 -16.94
N PRO C 108 -18.88 13.96 -18.27
CA PRO C 108 -20.06 14.52 -18.97
C PRO C 108 -21.35 13.74 -18.69
N GLY C 109 -22.48 14.29 -19.16
CA GLY C 109 -23.80 13.68 -18.97
C GLY C 109 -24.21 13.61 -17.51
N ASN C 110 -23.83 14.64 -16.74
CA ASN C 110 -24.00 14.65 -15.27
C ASN C 110 -23.49 13.33 -14.70
N ALA C 111 -22.18 13.20 -14.68
CA ALA C 111 -21.54 12.02 -14.13
C ALA C 111 -20.43 12.46 -13.20
N SER C 112 -20.29 11.74 -12.09
CA SER C 112 -19.22 11.96 -11.12
C SER C 112 -18.97 10.66 -10.33
N GLU C 113 -17.74 10.52 -9.88
CA GLU C 113 -17.35 9.44 -9.02
C GLU C 113 -16.44 10.04 -7.96
N SER C 114 -16.65 9.71 -6.69
CA SER C 114 -15.91 10.31 -5.58
C SER C 114 -14.93 9.33 -5.00
N PHE C 115 -14.04 9.79 -4.15
CA PHE C 115 -13.00 8.92 -3.61
C PHE C 115 -12.56 9.51 -2.26
N LEU C 116 -12.04 8.65 -1.39
CA LEU C 116 -11.45 9.09 -0.15
C LEU C 116 -10.44 8.02 0.20
N HIS C 117 -9.17 8.33 -0.03
CA HIS C 117 -8.03 7.42 0.22
C HIS C 117 -7.19 7.99 1.34
N VAL C 118 -6.63 7.11 2.19
CA VAL C 118 -5.83 7.51 3.34
C VAL C 118 -4.52 6.74 3.31
N ALA C 119 -3.41 7.44 3.53
CA ALA C 119 -2.07 6.84 3.65
C ALA C 119 -1.52 7.06 5.05
N PHE C 120 -0.73 6.11 5.53
CA PHE C 120 -0.08 6.15 6.83
C PHE C 120 1.39 5.86 6.53
N GLN C 121 2.27 6.73 7.04
CA GLN C 121 3.69 6.67 6.77
C GLN C 121 3.97 6.56 5.27
N GLY C 122 3.18 7.27 4.48
CA GLY C 122 3.37 7.31 3.02
C GLY C 122 2.86 6.15 2.19
N LYS C 123 2.09 5.25 2.80
CA LYS C 123 1.50 4.12 2.09
C LYS C 123 0.00 4.08 2.26
N TYR C 124 -0.69 3.90 1.15
CA TYR C 124 -2.15 3.77 1.10
C TYR C 124 -2.61 2.63 2.02
N VAL C 125 -3.47 2.90 2.98
CA VAL C 125 -3.92 1.86 3.93
C VAL C 125 -5.43 1.68 4.05
N VAL C 126 -6.19 2.73 3.70
CA VAL C 126 -7.63 2.75 4.01
C VAL C 126 -8.34 3.60 2.97
N ARG C 127 -9.60 3.27 2.67
CA ARG C 127 -10.46 4.12 1.87
C ARG C 127 -11.87 4.09 2.46
N PHE C 128 -12.68 5.10 2.16
CA PHE C 128 -14.10 5.00 2.41
C PHE C 128 -14.69 4.51 1.10
N TRP C 129 -15.58 3.52 1.16
CA TRP C 129 -16.14 2.87 -0.01
C TRP C 129 -17.56 2.42 0.29
N GLY C 130 -18.51 2.92 -0.49
CA GLY C 130 -19.90 2.52 -0.30
C GLY C 130 -20.45 3.21 0.93
N THR C 131 -20.58 2.44 2.01
CA THR C 131 -21.12 2.97 3.26
C THR C 131 -20.16 2.82 4.44
N SER C 132 -18.92 2.38 4.19
CA SER C 132 -17.98 2.18 5.29
C SER C 132 -16.51 2.36 4.95
N TRP C 133 -15.69 2.44 6.01
CA TRP C 133 -14.27 2.50 5.90
C TRP C 133 -13.74 1.09 5.73
N GLN C 134 -12.65 0.93 5.01
CA GLN C 134 -12.07 -0.40 4.86
C GLN C 134 -10.58 -0.29 4.77
N THR C 135 -9.88 -1.29 5.28
CA THR C 135 -8.45 -1.38 5.10
C THR C 135 -8.26 -2.01 3.74
N VAL C 136 -7.17 -1.65 3.08
CA VAL C 136 -6.88 -2.21 1.78
C VAL C 136 -5.96 -3.43 1.98
N PRO C 137 -5.87 -4.32 0.97
CA PRO C 137 -5.00 -5.50 1.12
C PRO C 137 -3.54 -5.14 1.41
N GLY C 138 -2.96 -5.77 2.42
CA GLY C 138 -1.58 -5.50 2.74
C GLY C 138 -1.41 -4.37 3.75
N ALA C 139 -2.52 -3.78 4.24
CA ALA C 139 -2.44 -2.74 5.31
C ALA C 139 -2.06 -3.42 6.66
N PRO C 140 -1.48 -2.67 7.64
CA PRO C 140 -1.08 -3.37 8.87
C PRO C 140 -2.33 -3.88 9.58
N SER C 141 -2.22 -5.08 10.15
CA SER C 141 -3.31 -5.73 10.90
C SER C 141 -3.89 -4.90 12.07
N TRP C 142 -3.07 -4.10 12.75
CA TRP C 142 -3.57 -3.31 13.89
C TRP C 142 -4.62 -2.26 13.54
N LEU C 143 -4.81 -1.99 12.24
CA LEU C 143 -5.81 -1.03 11.81
C LEU C 143 -7.22 -1.60 11.80
N ASP C 144 -7.37 -2.92 11.80
CA ASP C 144 -8.68 -3.55 11.56
C ASP C 144 -9.67 -3.28 12.67
N LEU C 145 -9.19 -3.25 13.90
CA LEU C 145 -10.07 -3.00 15.03
C LEU C 145 -10.48 -1.52 15.16
N PRO C 146 -9.52 -0.57 15.12
CA PRO C 146 -9.90 0.86 15.08
C PRO C 146 -10.78 1.29 13.88
N ILE C 147 -10.62 0.64 12.73
CA ILE C 147 -11.51 0.81 11.61
C ILE C 147 -12.91 0.29 11.98
N LYS C 148 -12.97 -0.89 12.62
CA LYS C 148 -14.26 -1.42 13.04
C LYS C 148 -14.96 -0.43 13.98
N VAL C 149 -14.22 0.06 14.96
CA VAL C 149 -14.76 1.05 15.89
C VAL C 149 -15.24 2.30 15.15
N LEU C 150 -14.45 2.80 14.20
CA LEU C 150 -14.84 3.94 13.37
C LEU C 150 -16.12 3.68 12.57
N ASN C 151 -16.28 2.46 12.06
CA ASN C 151 -17.51 2.07 11.36
C ASN C 151 -18.79 2.05 12.22
N ALA C 152 -18.64 1.93 13.54
CA ALA C 152 -19.79 2.05 14.45
C ALA C 152 -20.26 3.49 14.65
N ASP C 153 -19.46 4.45 14.17
CA ASP C 153 -19.82 5.89 14.23
C ASP C 153 -20.71 6.22 13.02
N GLN C 154 -22.01 6.00 13.22
CA GLN C 154 -23.01 6.10 12.18
C GLN C 154 -23.14 7.52 11.65
N GLY C 155 -23.06 8.50 12.55
CA GLY C 155 -23.15 9.93 12.20
C GLY C 155 -22.03 10.33 11.26
N THR C 156 -20.80 9.87 11.55
CA THR C 156 -19.65 10.15 10.69
C THR C 156 -19.81 9.50 9.32
N SER C 157 -20.22 8.24 9.29
CA SER C 157 -20.37 7.55 8.03
C SER C 157 -21.47 8.28 7.19
N ALA C 158 -22.58 8.71 7.82
CA ALA C 158 -23.64 9.42 7.10
C ALA C 158 -23.12 10.73 6.52
N THR C 159 -22.33 11.48 7.31
CA THR C 159 -21.78 12.78 6.87
C THR C 159 -20.79 12.59 5.73
N VAL C 160 -19.86 11.62 5.86
CA VAL C 160 -18.89 11.28 4.80
C VAL C 160 -19.60 10.88 3.47
N GLN C 161 -20.63 10.05 3.57
CA GLN C 161 -21.40 9.61 2.40
C GLN C 161 -22.04 10.79 1.65
N MET C 162 -22.65 11.69 2.42
CA MET C 162 -23.26 12.91 1.89
C MET C 162 -22.23 13.79 1.23
N LEU C 163 -21.08 13.99 1.88
CA LEU C 163 -20.01 14.85 1.37
C LEU C 163 -19.46 14.31 0.08
N LEU C 164 -19.21 13.01 0.06
CA LEU C 164 -18.75 12.34 -1.15
C LEU C 164 -19.76 12.22 -2.30
N ASN C 165 -20.95 11.72 -2.02
CA ASN C 165 -21.96 11.43 -3.06
C ASN C 165 -22.71 12.66 -3.54
N ASP C 166 -22.88 13.64 -2.64
CA ASP C 166 -23.76 14.78 -2.91
C ASP C 166 -23.10 16.14 -2.86
N THR C 167 -22.48 16.48 -1.73
CA THR C 167 -21.88 17.80 -1.59
C THR C 167 -20.78 18.07 -2.64
N CYS C 168 -19.87 17.12 -2.81
CA CYS C 168 -18.70 17.32 -3.66
C CYS C 168 -19.08 17.57 -5.11
N PRO C 169 -19.84 16.66 -5.77
CA PRO C 169 -20.22 16.99 -7.16
C PRO C 169 -20.96 18.29 -7.36
N LEU C 170 -21.87 18.63 -6.42
CA LEU C 170 -22.59 19.91 -6.41
C LEU C 170 -21.66 21.12 -6.28
N PHE C 171 -20.78 21.07 -5.29
CA PHE C 171 -19.81 22.14 -5.10
C PHE C 171 -18.94 22.29 -6.36
N VAL C 172 -18.45 21.17 -6.89
CA VAL C 172 -17.58 21.24 -8.06
C VAL C 172 -18.28 21.78 -9.33
N ARG C 173 -19.52 21.40 -9.57
CA ARG C 173 -20.25 21.98 -10.70
C ARG C 173 -20.35 23.51 -10.59
N GLY C 174 -20.44 24.02 -9.36
CA GLY C 174 -20.46 25.46 -9.10
C GLY C 174 -19.11 26.10 -9.37
N LEU C 175 -18.04 25.42 -8.99
CA LEU C 175 -16.68 25.89 -9.22
C LEU C 175 -16.39 25.99 -10.70
N LEU C 176 -16.80 24.96 -11.44
CA LEU C 176 -16.60 24.93 -12.89
C LEU C 176 -17.32 26.09 -13.58
N GLU C 177 -18.52 26.39 -13.13
CA GLU C 177 -19.24 27.55 -13.64
C GLU C 177 -18.54 28.88 -13.22
N ALA C 178 -18.24 29.02 -11.93
CA ALA C 178 -17.69 30.27 -11.40
C ALA C 178 -16.30 30.57 -11.88
N GLY C 179 -15.51 29.52 -12.12
CA GLY C 179 -14.11 29.71 -12.46
C GLY C 179 -13.74 29.53 -13.92
N LYS C 180 -14.75 29.54 -14.77
CA LYS C 180 -14.65 29.22 -16.18
C LYS C 180 -13.53 29.96 -16.90
N SER C 181 -13.44 31.28 -16.67
CA SER C 181 -12.43 32.08 -17.37
C SER C 181 -11.01 31.69 -17.00
N ASP C 182 -10.78 31.31 -15.74
CA ASP C 182 -9.47 30.79 -15.33
C ASP C 182 -9.17 29.39 -15.82
N LEU C 183 -10.12 28.48 -15.66
CA LEU C 183 -9.94 27.10 -16.15
C LEU C 183 -9.76 27.04 -17.66
N GLU C 184 -10.40 27.95 -18.39
CA GLU C 184 -10.31 27.95 -19.83
C GLU C 184 -9.29 28.97 -20.36
N LYS C 185 -8.43 29.49 -19.47
CA LYS C 185 -7.49 30.52 -19.88
C LYS C 185 -6.44 29.90 -20.80
N GLN C 186 -5.84 30.76 -21.60
CA GLN C 186 -4.81 30.36 -22.53
C GLN C 186 -3.63 31.31 -22.33
N GLU C 187 -2.47 30.76 -22.00
CA GLU C 187 -1.25 31.57 -21.88
C GLU C 187 -0.25 30.98 -22.88
N LYS C 188 0.42 31.85 -23.63
CA LYS C 188 1.32 31.43 -24.72
C LYS C 188 2.71 31.01 -24.26
N PRO C 189 3.20 29.89 -24.78
CA PRO C 189 4.55 29.54 -24.38
C PRO C 189 5.56 30.50 -25.04
N VAL C 190 6.76 30.57 -24.46
CA VAL C 190 7.92 31.19 -25.07
C VAL C 190 8.98 30.09 -25.08
N ALA C 191 9.74 29.98 -26.17
CA ALA C 191 10.76 28.96 -26.25
C ALA C 191 12.15 29.54 -26.47
N TRP C 192 13.17 28.77 -26.11
CA TRP C 192 14.56 29.12 -26.40
C TRP C 192 15.40 27.85 -26.47
N LEU C 193 16.51 27.95 -27.20
CA LEU C 193 17.41 26.83 -27.42
C LEU C 193 18.71 26.97 -26.64
N SER C 194 19.30 25.83 -26.26
CA SER C 194 20.63 25.80 -25.67
C SER C 194 21.22 24.44 -25.96
N SER C 195 22.48 24.24 -25.60
CA SER C 195 23.10 22.95 -25.82
C SER C 195 24.25 22.75 -24.85
N VAL C 196 24.53 21.47 -24.62
CA VAL C 196 25.56 21.04 -23.70
C VAL C 196 26.49 20.08 -24.46
N PRO C 197 27.77 20.48 -24.64
CA PRO C 197 28.83 19.67 -25.23
C PRO C 197 29.67 18.91 -24.20
N GLY C 202 32.07 13.54 -29.29
CA GLY C 202 31.95 14.63 -30.42
C GLY C 202 30.45 14.83 -30.58
N HIS C 203 29.71 14.61 -29.49
CA HIS C 203 28.26 14.69 -29.51
C HIS C 203 27.76 15.90 -28.73
N ARG C 204 26.55 16.31 -29.06
CA ARG C 204 25.91 17.43 -28.41
C ARG C 204 24.45 17.14 -28.08
N GLN C 205 24.02 17.64 -26.95
CA GLN C 205 22.65 17.47 -26.58
C GLN C 205 22.00 18.84 -26.80
N LEU C 206 21.06 18.94 -27.74
CA LEU C 206 20.33 20.18 -27.93
C LEU C 206 19.09 20.21 -27.03
N VAL C 207 18.78 21.36 -26.44
CA VAL C 207 17.65 21.45 -25.53
C VAL C 207 16.76 22.59 -25.99
N CYS C 208 15.47 22.29 -26.11
CA CYS C 208 14.47 23.27 -26.44
C CYS C 208 13.64 23.49 -25.19
N HIS C 209 13.68 24.69 -24.61
CA HIS C 209 13.00 25.02 -23.38
C HIS C 209 11.70 25.71 -23.75
N VAL C 210 10.61 25.29 -23.14
CA VAL C 210 9.30 25.88 -23.51
C VAL C 210 8.63 26.29 -22.21
N SER C 211 8.29 27.56 -22.07
CA SER C 211 7.83 28.03 -20.77
C SER C 211 6.71 29.03 -20.81
N GLY C 212 5.79 28.91 -19.86
CA GLY C 212 4.74 29.90 -19.76
C GLY C 212 3.41 29.48 -20.39
N PHE C 213 3.27 28.23 -20.82
CA PHE C 213 2.03 27.85 -21.47
C PHE C 213 0.97 27.35 -20.48
N TYR C 214 -0.29 27.58 -20.83
CA TYR C 214 -1.41 27.00 -20.11
C TYR C 214 -2.56 26.92 -21.11
N PRO C 215 -3.36 25.83 -21.10
CA PRO C 215 -3.31 24.64 -20.27
C PRO C 215 -2.14 23.71 -20.57
N LYS C 216 -2.09 22.63 -19.83
CA LYS C 216 -0.96 21.73 -19.88
C LYS C 216 -0.69 21.03 -21.25
N PRO C 217 -1.74 20.56 -21.96
CA PRO C 217 -1.41 19.88 -23.23
C PRO C 217 -0.55 20.72 -24.18
N VAL C 218 0.52 20.11 -24.71
CA VAL C 218 1.48 20.83 -25.55
C VAL C 218 2.21 19.82 -26.40
N TRP C 219 2.80 20.27 -27.50
CA TRP C 219 3.61 19.38 -28.33
C TRP C 219 4.88 20.13 -28.64
N VAL C 220 6.02 19.49 -28.36
CA VAL C 220 7.32 20.11 -28.54
C VAL C 220 8.17 19.05 -29.24
N MET C 221 8.73 19.38 -30.40
CA MET C 221 9.47 18.38 -31.16
C MET C 221 10.65 18.98 -31.92
N TRP C 222 11.77 18.27 -31.93
CA TRP C 222 12.87 18.63 -32.80
C TRP C 222 12.53 18.09 -34.21
N MET C 223 12.79 18.91 -35.23
CA MET C 223 12.40 18.64 -36.60
C MET C 223 13.55 18.89 -37.54
N ARG C 224 13.58 18.16 -38.65
CA ARG C 224 14.46 18.50 -39.76
C ARG C 224 13.48 18.63 -40.93
N GLY C 225 13.20 19.89 -41.30
CA GLY C 225 12.14 20.19 -42.25
C GLY C 225 10.80 19.74 -41.70
N ASP C 226 10.08 18.89 -42.42
CA ASP C 226 8.80 18.39 -41.91
C ASP C 226 8.93 17.01 -41.22
N GLN C 227 10.18 16.52 -41.08
CA GLN C 227 10.49 15.23 -40.42
C GLN C 227 10.73 15.36 -38.90
N GLU C 228 9.85 14.73 -38.12
CA GLU C 228 10.02 14.70 -36.65
C GLU C 228 11.27 13.89 -36.37
N GLN C 229 12.11 14.35 -35.43
CA GLN C 229 13.30 13.57 -35.04
C GLN C 229 12.86 12.65 -33.92
N GLN C 230 12.74 11.36 -34.21
CA GLN C 230 12.19 10.42 -33.23
C GLN C 230 13.02 10.25 -31.94
N GLY C 231 14.31 10.59 -31.96
CA GLY C 231 15.15 10.55 -30.72
C GLY C 231 14.87 11.69 -29.72
N THR C 232 13.90 12.55 -30.04
CA THR C 232 13.52 13.63 -29.15
C THR C 232 13.04 13.02 -27.85
N HIS C 233 13.55 13.50 -26.73
CA HIS C 233 13.12 13.06 -25.42
C HIS C 233 12.46 14.21 -24.64
N ARG C 234 11.18 14.05 -24.31
CA ARG C 234 10.45 15.05 -23.53
C ARG C 234 10.79 14.89 -22.06
N GLY C 235 11.10 16.00 -21.37
CA GLY C 235 11.33 15.95 -19.90
C GLY C 235 9.98 16.00 -19.18
N ASP C 236 10.00 16.17 -17.87
CA ASP C 236 8.79 16.25 -17.05
C ASP C 236 8.18 17.64 -17.19
N PHE C 237 6.87 17.75 -17.01
CA PHE C 237 6.22 19.07 -16.91
C PHE C 237 6.57 19.64 -15.53
N LEU C 238 7.10 20.87 -15.50
CA LEU C 238 7.50 21.50 -14.26
C LEU C 238 6.65 22.77 -14.10
N PRO C 239 6.16 23.02 -12.87
CA PRO C 239 5.31 24.19 -12.66
C PRO C 239 6.08 25.51 -12.55
N ASN C 240 5.53 26.56 -13.14
CA ASN C 240 6.01 27.91 -12.91
C ASN C 240 5.22 28.44 -11.71
N ALA C 241 5.65 29.54 -11.10
CA ALA C 241 4.97 30.06 -9.90
C ALA C 241 3.72 30.87 -10.24
N ASP C 242 3.52 31.12 -11.53
CA ASP C 242 2.40 31.95 -12.02
C ASP C 242 1.34 31.11 -12.75
N GLU C 243 1.15 29.89 -12.31
CA GLU C 243 0.10 29.01 -12.87
C GLU C 243 0.24 28.82 -14.39
N THR C 244 1.48 28.56 -14.79
CA THR C 244 1.80 28.15 -16.14
C THR C 244 2.79 27.03 -16.01
N TRP C 245 3.11 26.46 -17.15
CA TRP C 245 3.95 25.24 -17.18
C TRP C 245 5.26 25.47 -17.95
N TYR C 246 6.24 24.64 -17.63
CA TYR C 246 7.56 24.60 -18.26
C TYR C 246 7.85 23.15 -18.68
N LEU C 247 8.45 22.97 -19.85
CA LEU C 247 8.79 21.67 -20.33
C LEU C 247 9.96 21.84 -21.28
N GLN C 248 10.91 20.93 -21.23
CA GLN C 248 12.00 20.95 -22.21
C GLN C 248 12.09 19.64 -22.99
N ALA C 249 12.52 19.75 -24.25
CA ALA C 249 12.73 18.57 -25.11
C ALA C 249 14.16 18.58 -25.59
N THR C 250 14.82 17.44 -25.47
CA THR C 250 16.22 17.31 -25.82
C THR C 250 16.45 16.36 -27.01
N LEU C 251 17.57 16.56 -27.70
CA LEU C 251 17.97 15.70 -28.81
C LEU C 251 19.48 15.50 -28.83
N ASP C 252 19.93 14.25 -28.85
CA ASP C 252 21.37 13.95 -29.00
C ASP C 252 21.74 14.01 -30.48
N VAL C 253 22.72 14.82 -30.84
CA VAL C 253 23.17 14.95 -32.23
C VAL C 253 24.69 14.87 -32.31
N GLU C 254 25.20 14.44 -33.45
CA GLU C 254 26.63 14.46 -33.69
C GLU C 254 27.05 15.85 -34.16
N ALA C 255 28.33 16.16 -34.00
CA ALA C 255 28.93 17.42 -34.46
C ALA C 255 28.62 17.72 -35.92
N GLY C 256 28.13 18.92 -36.18
CA GLY C 256 27.83 19.34 -37.56
C GLY C 256 26.50 18.83 -38.11
N GLU C 257 25.71 18.23 -37.22
CA GLU C 257 24.36 17.80 -37.56
C GLU C 257 23.37 18.83 -37.07
N GLU C 258 23.88 19.86 -36.39
CA GLU C 258 23.01 20.89 -35.83
C GLU C 258 22.34 21.72 -36.92
N ALA C 259 23.07 21.98 -38.00
CA ALA C 259 22.54 22.76 -39.11
C ALA C 259 21.28 22.14 -39.73
N GLY C 260 20.19 22.89 -39.72
CA GLY C 260 18.93 22.44 -40.33
C GLY C 260 17.88 21.99 -39.34
N LEU C 261 18.30 21.78 -38.09
CA LEU C 261 17.39 21.38 -37.04
C LEU C 261 16.61 22.57 -36.48
N ALA C 262 15.37 22.30 -36.12
CA ALA C 262 14.50 23.29 -35.52
C ALA C 262 13.67 22.64 -34.41
N CYS C 263 13.28 23.45 -33.43
CA CYS C 263 12.34 23.02 -32.40
C CYS C 263 10.99 23.68 -32.74
N ARG C 264 9.97 22.85 -32.85
CA ARG C 264 8.66 23.34 -33.12
C ARG C 264 7.76 23.10 -31.93
N VAL C 265 6.99 24.11 -31.58
CA VAL C 265 5.99 23.94 -30.52
C VAL C 265 4.57 24.26 -30.99
N LYS C 266 3.64 23.38 -30.65
CA LYS C 266 2.23 23.52 -30.95
C LYS C 266 1.56 23.65 -29.62
N HIS C 267 0.69 24.62 -29.52
CA HIS C 267 -0.06 24.79 -28.29
C HIS C 267 -1.36 25.53 -28.61
N SER C 268 -2.42 25.16 -27.90
CA SER C 268 -3.73 25.73 -28.11
C SER C 268 -3.78 27.26 -28.11
N SER C 269 -2.91 27.91 -27.34
CA SER C 269 -2.92 29.38 -27.25
C SER C 269 -2.41 30.10 -28.53
N LEU C 270 -1.69 29.37 -29.37
CA LEU C 270 -1.02 29.96 -30.52
C LEU C 270 -1.85 30.15 -31.76
N GLY C 271 -3.08 29.63 -31.78
CA GLY C 271 -3.98 29.82 -32.93
C GLY C 271 -3.39 29.36 -34.24
N GLY C 272 -2.73 28.20 -34.22
CA GLY C 272 -2.12 27.67 -35.45
C GLY C 272 -0.77 28.23 -35.86
N GLN C 273 -0.27 29.23 -35.13
CA GLN C 273 1.04 29.83 -35.42
C GLN C 273 2.08 29.19 -34.51
N ASP C 274 2.58 28.02 -34.91
CA ASP C 274 3.54 27.29 -34.07
C ASP C 274 4.77 28.13 -33.85
N ILE C 275 5.47 27.87 -32.77
CA ILE C 275 6.78 28.47 -32.58
C ILE C 275 7.73 27.56 -33.31
N ILE C 276 8.52 28.11 -34.21
CA ILE C 276 9.57 27.38 -34.91
C ILE C 276 10.88 28.12 -34.69
N LEU C 277 11.80 27.48 -33.96
CA LEU C 277 13.12 28.03 -33.66
C LEU C 277 14.21 27.21 -34.30
N TYR C 278 14.92 27.82 -35.23
CA TYR C 278 15.99 27.15 -35.93
C TYR C 278 17.29 27.23 -35.17
N TRP C 279 17.99 26.11 -35.09
CA TRP C 279 19.28 26.09 -34.47
C TRP C 279 20.29 26.89 -35.33
N GLN D 2 11.30 6.39 4.00
CA GLN D 2 12.07 7.65 3.72
C GLN D 2 12.44 7.79 2.22
N LYS D 3 12.08 8.92 1.62
CA LYS D 3 12.35 9.16 0.19
C LYS D 3 13.12 10.47 0.01
N THR D 4 14.17 10.40 -0.82
CA THR D 4 15.10 11.50 -1.03
C THR D 4 14.55 12.46 -2.05
N PRO D 5 14.63 13.78 -1.76
CA PRO D 5 14.10 14.77 -2.71
C PRO D 5 14.92 14.92 -3.98
N GLN D 6 14.19 15.12 -5.07
CA GLN D 6 14.80 15.46 -6.35
C GLN D 6 14.65 16.99 -6.46
N ILE D 7 15.63 17.65 -7.06
CA ILE D 7 15.67 19.11 -7.17
C ILE D 7 15.87 19.47 -8.64
N GLN D 8 15.01 20.35 -9.15
CA GLN D 8 15.11 20.88 -10.51
C GLN D 8 15.14 22.39 -10.46
N VAL D 9 16.12 22.99 -11.12
CA VAL D 9 16.29 24.48 -11.11
C VAL D 9 16.18 25.02 -12.54
N TYR D 10 15.30 25.99 -12.76
CA TYR D 10 15.01 26.40 -14.13
C TYR D 10 14.47 27.80 -14.09
N SER D 11 14.59 28.52 -15.20
CA SER D 11 14.17 29.92 -15.21
C SER D 11 12.76 30.06 -15.79
N ARG D 12 11.99 31.06 -15.34
CA ARG D 12 10.65 31.31 -15.96
C ARG D 12 10.68 31.83 -17.41
N HIS D 13 11.67 32.66 -17.71
CA HIS D 13 11.85 33.26 -19.04
C HIS D 13 13.26 32.94 -19.55
N PRO D 14 13.50 33.07 -20.87
CA PRO D 14 14.84 32.83 -21.43
C PRO D 14 15.85 33.63 -20.61
N PRO D 15 16.91 32.97 -20.16
CA PRO D 15 17.88 33.80 -19.47
C PRO D 15 18.62 34.69 -20.44
N GLU D 16 18.62 35.98 -20.15
CA GLU D 16 19.36 36.94 -20.92
C GLU D 16 20.12 37.72 -19.89
N ASN D 17 21.42 37.93 -20.11
CA ASN D 17 22.26 38.61 -19.14
C ASN D 17 21.80 40.02 -18.95
N GLY D 18 21.68 40.43 -17.69
CA GLY D 18 21.30 41.78 -17.35
C GLY D 18 19.81 41.98 -17.26
N LYS D 19 19.02 40.97 -17.61
CA LYS D 19 17.55 41.11 -17.62
C LYS D 19 16.87 40.40 -16.43
N PRO D 20 16.08 41.15 -15.63
CA PRO D 20 15.33 40.54 -14.53
C PRO D 20 14.51 39.32 -14.97
N ASN D 21 14.54 38.29 -14.15
CA ASN D 21 13.91 37.03 -14.47
C ASN D 21 13.42 36.42 -13.14
N ILE D 22 12.94 35.19 -13.19
CA ILE D 22 12.51 34.42 -11.99
C ILE D 22 13.16 33.07 -12.07
N LEU D 23 13.76 32.65 -10.95
CA LEU D 23 14.42 31.36 -10.90
C LEU D 23 13.57 30.46 -10.02
N ASN D 24 13.28 29.25 -10.54
CA ASN D 24 12.42 28.29 -9.83
C ASN D 24 13.25 27.15 -9.31
N CYS D 25 12.89 26.64 -8.13
CA CYS D 25 13.50 25.41 -7.59
C CYS D 25 12.33 24.50 -7.18
N TYR D 26 12.19 23.39 -7.90
CA TYR D 26 11.06 22.46 -7.73
C TYR D 26 11.59 21.21 -7.06
N VAL D 27 11.10 20.96 -5.85
CA VAL D 27 11.61 19.87 -5.00
C VAL D 27 10.48 18.82 -4.89
N THR D 28 10.80 17.59 -5.27
CA THR D 28 9.79 16.55 -5.41
C THR D 28 10.24 15.22 -4.83
N GLN D 29 9.28 14.28 -4.74
CA GLN D 29 9.54 12.89 -4.41
C GLN D 29 10.14 12.67 -3.02
N PHE D 30 9.82 13.54 -2.07
CA PHE D 30 10.36 13.38 -0.71
C PHE D 30 9.30 12.94 0.31
N HIS D 31 9.77 12.32 1.40
CA HIS D 31 8.95 11.87 2.51
C HIS D 31 9.97 11.59 3.60
N PRO D 32 9.72 12.04 4.84
CA PRO D 32 8.59 12.84 5.35
C PRO D 32 8.51 14.27 4.77
N PRO D 33 7.42 14.98 5.09
CA PRO D 33 7.27 16.34 4.58
C PRO D 33 8.24 17.42 5.13
N HIS D 34 8.77 17.26 6.33
CA HIS D 34 9.63 18.27 6.89
C HIS D 34 10.86 18.44 5.99
N ILE D 35 11.03 19.66 5.51
CA ILE D 35 12.11 20.00 4.61
C ILE D 35 12.58 21.45 4.83
N GLU D 36 13.84 21.71 4.49
CA GLU D 36 14.36 23.05 4.53
C GLU D 36 14.98 23.37 3.15
N ILE D 37 14.51 24.43 2.48
CA ILE D 37 14.96 24.79 1.10
C ILE D 37 15.48 26.22 1.11
N GLN D 38 16.67 26.40 0.57
CA GLN D 38 17.26 27.74 0.40
C GLN D 38 17.61 27.93 -1.08
N MET D 39 17.59 29.16 -1.56
CA MET D 39 18.13 29.44 -2.89
C MET D 39 19.33 30.32 -2.66
N LEU D 40 20.40 30.08 -3.42
CA LEU D 40 21.68 30.72 -3.18
C LEU D 40 22.16 31.53 -4.37
N LYS D 41 22.70 32.70 -4.08
CA LYS D 41 23.41 33.45 -5.10
C LYS D 41 24.87 33.52 -4.69
N ASN D 42 25.74 33.05 -5.57
CA ASN D 42 27.15 32.99 -5.20
C ASN D 42 27.35 32.35 -3.84
N GLY D 43 26.61 31.28 -3.58
CA GLY D 43 26.72 30.50 -2.34
C GLY D 43 26.10 31.11 -1.08
N LYS D 44 25.53 32.29 -1.22
CA LYS D 44 24.90 33.02 -0.09
C LYS D 44 23.39 33.01 -0.22
N LYS D 45 22.75 32.76 0.92
CA LYS D 45 21.30 32.67 1.02
C LYS D 45 20.63 33.93 0.50
N ILE D 46 19.68 33.75 -0.39
CA ILE D 46 18.86 34.84 -0.94
C ILE D 46 17.68 35.09 0.03
N PRO D 47 17.49 36.33 0.53
CA PRO D 47 16.39 36.61 1.48
C PRO D 47 14.97 36.64 0.89
N LYS D 48 14.88 36.86 -0.41
CA LYS D 48 13.60 37.08 -1.10
C LYS D 48 12.57 35.91 -1.15
N VAL D 49 13.08 34.69 -1.05
CA VAL D 49 12.41 33.45 -1.52
C VAL D 49 10.93 33.10 -1.18
N GLU D 50 10.11 33.01 -2.23
CA GLU D 50 8.68 32.66 -2.06
C GLU D 50 8.50 31.16 -2.19
N MET D 51 7.60 30.63 -1.39
CA MET D 51 7.41 29.20 -1.30
C MET D 51 5.94 28.88 -1.54
N SER D 52 5.65 27.87 -2.36
CA SER D 52 4.26 27.49 -2.51
C SER D 52 3.85 26.68 -1.30
N ASP D 53 2.56 26.37 -1.20
CA ASP D 53 2.07 25.45 -0.22
C ASP D 53 2.63 24.08 -0.58
N MET D 54 2.98 23.27 0.42
CA MET D 54 3.35 21.90 0.08
C MET D 54 2.13 21.09 -0.31
N SER D 55 2.33 20.20 -1.26
CA SER D 55 1.27 19.36 -1.71
C SER D 55 1.89 17.99 -1.87
N PHE D 56 1.10 17.02 -2.35
CA PHE D 56 1.64 15.70 -2.59
C PHE D 56 1.00 15.13 -3.86
N SER D 57 1.69 14.15 -4.44
CA SER D 57 1.33 13.54 -5.71
C SER D 57 0.49 12.30 -5.52
N LYS D 58 0.02 11.74 -6.63
CA LYS D 58 -0.72 10.48 -6.60
C LYS D 58 -0.03 9.37 -5.83
N ASP D 59 1.31 9.30 -5.89
CA ASP D 59 2.07 8.29 -5.15
C ASP D 59 2.34 8.65 -3.70
N TRP D 60 1.68 9.72 -3.24
CA TRP D 60 1.79 10.19 -1.84
C TRP D 60 3.06 10.96 -1.51
N SER D 61 4.01 11.04 -2.45
CA SER D 61 5.27 11.79 -2.19
C SER D 61 5.00 13.30 -2.26
N PHE D 62 5.73 14.05 -1.45
CA PHE D 62 5.55 15.49 -1.34
C PHE D 62 6.33 16.28 -2.41
N TYR D 63 5.83 17.47 -2.69
CA TYR D 63 6.47 18.41 -3.61
C TYR D 63 6.17 19.84 -3.17
N ILE D 64 7.04 20.76 -3.59
CA ILE D 64 6.92 22.16 -3.20
C ILE D 64 7.72 22.97 -4.21
N LEU D 65 7.31 24.21 -4.43
CA LEU D 65 7.99 25.03 -5.44
C LEU D 65 8.49 26.29 -4.74
N ALA D 66 9.77 26.58 -4.90
CA ALA D 66 10.37 27.79 -4.33
C ALA D 66 10.74 28.68 -5.52
N HIS D 67 10.65 30.00 -5.37
CA HIS D 67 11.06 30.89 -6.49
C HIS D 67 11.52 32.24 -6.00
N THR D 68 12.38 32.87 -6.81
CA THR D 68 12.88 34.19 -6.46
C THR D 68 13.24 34.97 -7.71
N GLU D 69 13.17 36.30 -7.61
CA GLU D 69 13.63 37.17 -8.68
C GLU D 69 15.13 36.99 -8.78
N PHE D 70 15.66 37.06 -10.01
CA PHE D 70 17.10 36.98 -10.20
C PHE D 70 17.43 37.66 -11.51
N THR D 71 18.66 38.08 -11.62
CA THR D 71 19.14 38.70 -12.85
C THR D 71 20.36 37.92 -13.26
N PRO D 72 20.26 37.08 -14.31
CA PRO D 72 21.43 36.33 -14.69
C PRO D 72 22.49 37.26 -15.26
N THR D 73 23.75 36.92 -15.03
CA THR D 73 24.92 37.64 -15.49
C THR D 73 25.93 36.53 -15.69
N GLU D 74 27.09 36.77 -16.28
CA GLU D 74 28.02 35.64 -16.35
C GLU D 74 29.11 35.80 -15.29
N THR D 75 28.71 36.43 -14.18
CA THR D 75 29.57 36.58 -13.01
C THR D 75 28.88 36.07 -11.74
N ASP D 76 27.66 35.54 -11.85
CA ASP D 76 26.93 35.05 -10.69
C ASP D 76 26.47 33.61 -10.86
N THR D 77 26.61 32.82 -9.79
CA THR D 77 26.09 31.46 -9.79
C THR D 77 24.84 31.44 -8.92
N TYR D 78 23.92 30.51 -9.24
CA TYR D 78 22.67 30.37 -8.48
C TYR D 78 22.45 28.90 -8.23
N ALA D 79 21.88 28.57 -7.07
CA ALA D 79 21.68 27.21 -6.70
C ALA D 79 20.51 27.10 -5.75
N CYS D 80 20.04 25.88 -5.56
CA CYS D 80 18.99 25.58 -4.60
C CYS D 80 19.58 24.54 -3.69
N ARG D 81 19.45 24.74 -2.37
CA ARG D 81 20.03 23.85 -1.36
C ARG D 81 18.91 23.30 -0.48
N VAL D 82 18.96 22.00 -0.25
CA VAL D 82 17.88 21.27 0.44
C VAL D 82 18.42 20.41 1.57
N LYS D 83 17.84 20.57 2.76
CA LYS D 83 18.15 19.75 3.91
C LYS D 83 16.90 18.92 4.17
N HIS D 84 17.10 17.61 4.26
CA HIS D 84 16.00 16.67 4.45
C HIS D 84 16.58 15.48 5.21
N ALA D 85 15.77 14.87 6.07
CA ALA D 85 16.24 13.75 6.92
C ALA D 85 16.78 12.51 6.18
N SER D 86 16.37 12.33 4.92
CA SER D 86 16.90 11.24 4.11
C SER D 86 18.36 11.44 3.70
N MET D 87 18.94 12.62 3.97
CA MET D 87 20.34 12.91 3.60
C MET D 87 21.21 13.38 4.77
N ALA D 88 22.41 12.81 4.91
CA ALA D 88 23.32 13.04 6.06
C ALA D 88 23.85 14.48 6.14
N GLU D 89 24.09 15.06 4.88
CA GLU D 89 24.53 16.44 4.73
C GLU D 89 23.52 17.04 3.72
N PRO D 90 23.36 18.41 3.63
CA PRO D 90 22.41 19.04 2.65
C PRO D 90 22.81 18.89 1.15
N LYS D 91 21.83 18.92 0.23
CA LYS D 91 22.09 18.72 -1.20
C LYS D 91 21.88 20.01 -1.97
N THR D 92 22.87 20.37 -2.79
CA THR D 92 22.82 21.60 -3.58
C THR D 92 22.83 21.32 -5.07
N VAL D 93 21.91 21.93 -5.81
CA VAL D 93 22.04 21.81 -7.24
C VAL D 93 22.10 23.21 -7.82
N TYR D 94 23.09 23.41 -8.68
CA TYR D 94 23.33 24.68 -9.31
C TYR D 94 22.48 24.80 -10.56
N TRP D 95 21.97 26.00 -10.82
CA TRP D 95 21.29 26.32 -12.07
C TRP D 95 22.35 26.22 -13.17
N ASP D 96 22.09 25.43 -14.21
CA ASP D 96 23.13 25.12 -15.23
C ASP D 96 23.23 26.18 -16.29
N ARG D 97 22.44 27.24 -16.10
CA ARG D 97 22.55 28.48 -16.85
C ARG D 97 21.80 28.44 -18.16
N ASP D 98 21.40 27.23 -18.57
CA ASP D 98 20.64 26.96 -19.79
C ASP D 98 19.15 27.02 -19.48
N MET D 99 18.82 26.36 -18.36
CA MET D 99 17.48 26.03 -17.89
C MET D 99 16.59 27.22 -17.45
#